data_2CQZ
#
_entry.id   2CQZ
#
_cell.length_a   78.511
_cell.length_b   101.166
_cell.length_c   78.646
_cell.angle_alpha   90.00
_cell.angle_beta   119.78
_cell.angle_gamma   90.00
#
_symmetry.space_group_name_H-M   'P 1 21 1'
#
loop_
_entity.id
_entity.type
_entity.pdbx_description
1 polymer '177aa long hypothetical protein'
2 non-polymer 'NICKEL (II) ION'
3 water water
#
_entity_poly.entity_id   1
_entity_poly.type   'polypeptide(L)'
_entity_poly.pdbx_seq_one_letter_code
;MKVMIEKILLVQTLKRLPRMGWLIKGVQEPESIADHSFGVAFITLVLADVLEKRGKRIDVEKALKMAIVHDLAEAIITDI
PLSAQEFVDKDKAEALVFKKVFPEFYELYREYQECSSPEAQLVRIADKLDMILQAYQYELSGNKNLDEFWEAIEEIKRLE
LSKYLEDILNSVGRLKA
;
_entity_poly.pdbx_strand_id   A,B,C,D,E,F
#
# COMPACT_ATOMS: atom_id res chain seq x y z
N MET A 4 0.32 -27.73 -16.17
CA MET A 4 -0.51 -26.86 -17.06
C MET A 4 -0.47 -25.41 -16.57
N ILE A 5 -0.45 -24.48 -17.52
CA ILE A 5 -0.39 -23.06 -17.24
C ILE A 5 -1.58 -22.53 -16.44
N GLU A 6 -2.77 -23.00 -16.78
CA GLU A 6 -3.99 -22.56 -16.10
C GLU A 6 -3.94 -22.87 -14.60
N LYS A 7 -3.42 -24.03 -14.24
CA LYS A 7 -3.32 -24.46 -12.85
C LYS A 7 -2.36 -23.54 -12.09
N ILE A 8 -1.18 -23.33 -12.67
CA ILE A 8 -0.17 -22.49 -12.06
C ILE A 8 -0.67 -21.05 -11.88
N LEU A 9 -1.36 -20.53 -12.89
CA LEU A 9 -1.88 -19.16 -12.81
C LEU A 9 -2.93 -19.05 -11.70
N LEU A 10 -3.65 -20.14 -11.49
CA LEU A 10 -4.68 -20.20 -10.47
C LEU A 10 -4.02 -20.16 -9.08
N VAL A 11 -3.00 -20.99 -8.87
CA VAL A 11 -2.31 -21.05 -7.57
C VAL A 11 -1.51 -19.77 -7.27
N GLN A 12 -1.10 -19.07 -8.32
CA GLN A 12 -0.37 -17.83 -8.12
C GLN A 12 -1.27 -16.76 -7.52
N THR A 13 -2.58 -17.02 -7.49
CA THR A 13 -3.53 -16.07 -6.91
C THR A 13 -3.21 -15.92 -5.41
N LEU A 14 -2.53 -16.92 -4.86
CA LEU A 14 -2.14 -16.90 -3.46
C LEU A 14 -1.19 -15.74 -3.15
N LYS A 15 -0.50 -15.25 -4.18
CA LYS A 15 0.42 -14.13 -4.00
C LYS A 15 -0.39 -12.88 -3.74
N ARG A 16 -1.62 -12.84 -4.26
CA ARG A 16 -2.47 -11.67 -4.10
C ARG A 16 -3.44 -11.71 -2.94
N LEU A 17 -3.76 -12.92 -2.48
CA LEU A 17 -4.73 -13.01 -1.39
C LEU A 17 -4.07 -12.85 -0.02
N PRO A 18 -4.70 -12.05 0.83
CA PRO A 18 -4.16 -11.79 2.17
C PRO A 18 -4.56 -12.83 3.20
N ARG A 19 -3.72 -13.00 4.23
CA ARG A 19 -4.07 -13.84 5.30
C ARG A 19 -4.97 -13.02 6.14
N MET A 20 -6.26 -13.32 6.03
CA MET A 20 -7.31 -12.52 6.67
C MET A 20 -7.28 -12.25 8.18
N GLY A 21 -6.84 -13.21 8.98
CA GLY A 21 -6.81 -12.98 10.43
C GLY A 21 -6.14 -11.67 10.78
N TRP A 22 -5.00 -11.42 10.15
CA TRP A 22 -4.23 -10.21 10.37
C TRP A 22 -5.05 -8.94 10.04
N LEU A 23 -5.73 -8.93 8.89
CA LEU A 23 -6.56 -7.77 8.52
C LEU A 23 -7.61 -7.46 9.57
N ILE A 24 -8.30 -8.51 10.01
CA ILE A 24 -9.33 -8.35 11.01
C ILE A 24 -8.73 -7.74 12.28
N LYS A 25 -7.53 -8.16 12.63
CA LYS A 25 -6.82 -7.63 13.80
C LYS A 25 -6.21 -6.26 13.54
N GLY A 26 -6.46 -5.70 12.37
CA GLY A 26 -5.91 -4.38 12.07
C GLY A 26 -4.49 -4.28 11.58
N VAL A 27 -3.86 -5.41 11.27
CA VAL A 27 -2.49 -5.34 10.74
C VAL A 27 -2.73 -4.87 9.31
N GLN A 28 -2.17 -3.71 8.99
CA GLN A 28 -2.38 -3.05 7.69
C GLN A 28 -1.79 -3.70 6.42
N GLU A 29 -0.51 -4.11 6.41
CA GLU A 29 0.05 -4.78 5.21
C GLU A 29 0.33 -6.22 5.49
N PRO A 30 -0.72 -7.05 5.59
CA PRO A 30 -0.59 -8.48 5.88
C PRO A 30 0.05 -9.29 4.79
N GLU A 31 0.74 -10.33 5.23
CA GLU A 31 1.40 -11.26 4.34
C GLU A 31 0.33 -11.86 3.44
N SER A 32 0.76 -12.46 2.33
CA SER A 32 -0.20 -13.10 1.45
C SER A 32 -0.22 -14.57 1.87
N ILE A 33 -1.15 -15.33 1.32
CA ILE A 33 -1.22 -16.75 1.63
C ILE A 33 0.07 -17.41 1.14
N ALA A 34 0.58 -16.97 -0.01
CA ALA A 34 1.82 -17.52 -0.56
C ALA A 34 3.02 -17.24 0.37
N ASP A 35 3.08 -16.04 0.97
CA ASP A 35 4.16 -15.70 1.91
C ASP A 35 4.14 -16.74 3.01
N HIS A 36 2.95 -16.95 3.56
CA HIS A 36 2.73 -17.90 4.64
C HIS A 36 3.18 -19.30 4.23
N SER A 37 2.72 -19.76 3.07
CA SER A 37 3.07 -21.10 2.59
C SER A 37 4.57 -21.26 2.44
N PHE A 38 5.25 -20.20 1.99
CA PHE A 38 6.68 -20.35 1.86
C PHE A 38 7.30 -20.60 3.23
N GLY A 39 6.85 -19.85 4.23
CA GLY A 39 7.34 -20.03 5.58
C GLY A 39 7.10 -21.44 6.08
N VAL A 40 5.86 -21.92 5.92
CA VAL A 40 5.53 -23.27 6.36
C VAL A 40 6.51 -24.24 5.68
N ALA A 41 6.74 -24.06 4.38
CA ALA A 41 7.67 -24.92 3.65
C ALA A 41 9.08 -24.85 4.21
N PHE A 42 9.54 -23.65 4.55
CA PHE A 42 10.88 -23.50 5.08
C PHE A 42 11.04 -24.09 6.48
N ILE A 43 10.06 -23.83 7.34
CA ILE A 43 10.09 -24.36 8.69
C ILE A 43 10.03 -25.89 8.63
N THR A 44 9.18 -26.41 7.75
CA THR A 44 9.06 -27.85 7.57
C THR A 44 10.43 -28.43 7.24
N LEU A 45 11.15 -27.77 6.33
CA LEU A 45 12.47 -28.23 5.93
C LEU A 45 13.42 -28.25 7.13
N VAL A 46 13.53 -27.10 7.78
CA VAL A 46 14.40 -26.94 8.94
C VAL A 46 14.11 -27.96 10.04
N LEU A 47 12.83 -28.10 10.42
CA LEU A 47 12.45 -29.05 11.47
C LEU A 47 12.71 -30.48 11.04
N ALA A 48 12.44 -30.80 9.78
CA ALA A 48 12.67 -32.15 9.28
C ALA A 48 14.11 -32.58 9.54
N ASP A 49 15.06 -31.67 9.32
CA ASP A 49 16.48 -31.98 9.56
C ASP A 49 16.72 -32.20 11.05
N VAL A 50 16.12 -31.37 11.91
CA VAL A 50 16.29 -31.52 13.34
C VAL A 50 15.78 -32.90 13.73
N LEU A 51 14.59 -33.25 13.25
CA LEU A 51 13.99 -34.54 13.53
C LEU A 51 14.88 -35.67 13.03
N GLU A 52 15.54 -35.47 11.89
CA GLU A 52 16.43 -36.50 11.35
C GLU A 52 17.60 -36.74 12.32
N LYS A 53 18.24 -35.68 12.79
CA LYS A 53 19.37 -35.89 13.72
C LYS A 53 18.89 -36.39 15.08
N ARG A 54 17.58 -36.42 15.31
CA ARG A 54 17.11 -36.88 16.61
C ARG A 54 16.48 -38.25 16.60
N GLY A 55 16.81 -39.05 15.59
CA GLY A 55 16.27 -40.39 15.53
C GLY A 55 14.89 -40.51 14.92
N LYS A 56 14.14 -39.41 14.86
CA LYS A 56 12.81 -39.48 14.27
C LYS A 56 12.92 -39.37 12.75
N ARG A 57 12.66 -40.48 12.04
CA ARG A 57 12.74 -40.49 10.58
C ARG A 57 11.47 -39.91 9.96
N ILE A 58 11.63 -39.01 8.99
CA ILE A 58 10.50 -38.39 8.31
C ILE A 58 10.58 -38.62 6.79
N ASP A 59 9.42 -38.69 6.13
CA ASP A 59 9.35 -38.80 4.69
C ASP A 59 9.39 -37.33 4.27
N VAL A 60 10.59 -36.79 4.15
CA VAL A 60 10.77 -35.38 3.80
C VAL A 60 10.07 -34.98 2.52
N GLU A 61 10.17 -35.80 1.48
CA GLU A 61 9.52 -35.46 0.22
C GLU A 61 8.04 -35.22 0.47
N LYS A 62 7.38 -36.16 1.15
CA LYS A 62 5.95 -36.00 1.42
C LYS A 62 5.67 -34.77 2.25
N ALA A 63 6.49 -34.53 3.27
CA ALA A 63 6.28 -33.36 4.13
C ALA A 63 6.37 -32.05 3.33
N LEU A 64 7.39 -31.93 2.49
CA LEU A 64 7.56 -30.71 1.71
C LEU A 64 6.42 -30.50 0.73
N LYS A 65 5.93 -31.57 0.10
CA LYS A 65 4.81 -31.42 -0.83
C LYS A 65 3.58 -31.03 -0.02
N MET A 66 3.41 -31.68 1.12
CA MET A 66 2.26 -31.41 1.99
C MET A 66 2.27 -29.98 2.49
N ALA A 67 3.45 -29.43 2.74
CA ALA A 67 3.55 -28.05 3.19
C ALA A 67 3.19 -27.09 2.05
N ILE A 68 3.65 -27.41 0.85
CA ILE A 68 3.41 -26.57 -0.32
C ILE A 68 1.93 -26.55 -0.72
N VAL A 69 1.27 -27.69 -0.57
CA VAL A 69 -0.11 -27.83 -0.96
C VAL A 69 -1.17 -27.58 0.13
N HIS A 70 -0.76 -27.61 1.40
CA HIS A 70 -1.70 -27.46 2.49
C HIS A 70 -2.76 -26.36 2.43
N ASP A 71 -2.44 -25.17 1.91
CA ASP A 71 -3.48 -24.15 1.84
C ASP A 71 -3.91 -23.85 0.42
N LEU A 72 -3.53 -24.72 -0.50
CA LEU A 72 -3.85 -24.55 -1.91
C LEU A 72 -5.32 -24.30 -2.27
N ALA A 73 -6.25 -24.84 -1.49
CA ALA A 73 -7.68 -24.65 -1.79
C ALA A 73 -8.10 -23.22 -1.64
N GLU A 74 -7.26 -22.45 -0.92
CA GLU A 74 -7.57 -21.06 -0.70
C GLU A 74 -7.41 -20.23 -1.96
N ALA A 75 -6.73 -20.77 -2.96
CA ALA A 75 -6.54 -20.07 -4.23
C ALA A 75 -7.91 -19.75 -4.84
N ILE A 76 -8.92 -20.51 -4.44
CA ILE A 76 -10.27 -20.29 -4.92
C ILE A 76 -11.12 -19.81 -3.75
N ILE A 77 -11.00 -20.48 -2.61
CA ILE A 77 -11.93 -20.03 -1.53
C ILE A 77 -11.45 -18.87 -0.66
N THR A 78 -10.18 -18.47 -0.72
CA THR A 78 -9.63 -17.32 0.00
C THR A 78 -9.46 -17.78 1.45
N ASP A 79 -8.59 -17.10 2.19
CA ASP A 79 -8.32 -17.48 3.57
C ASP A 79 -9.42 -17.01 4.51
N ILE A 80 -10.56 -17.69 4.47
CA ILE A 80 -11.69 -17.34 5.33
C ILE A 80 -11.21 -17.45 6.76
N PRO A 81 -11.25 -16.33 7.50
CA PRO A 81 -10.80 -16.27 8.91
C PRO A 81 -11.56 -17.14 9.92
N LEU A 82 -10.83 -17.61 10.93
CA LEU A 82 -11.38 -18.46 11.99
C LEU A 82 -12.63 -17.84 12.60
N SER A 83 -12.64 -16.51 12.70
CA SER A 83 -13.78 -15.80 13.26
C SER A 83 -15.02 -15.96 12.38
N ALA A 84 -14.81 -16.33 11.13
CA ALA A 84 -15.94 -16.50 10.22
C ALA A 84 -16.38 -17.96 10.11
N GLN A 85 -15.49 -18.88 10.46
CA GLN A 85 -15.78 -20.30 10.36
C GLN A 85 -16.86 -20.80 11.33
N GLU A 86 -17.44 -19.90 12.10
CA GLU A 86 -18.57 -20.28 12.96
C GLU A 86 -19.86 -20.25 12.14
N PHE A 87 -19.73 -19.58 10.99
CA PHE A 87 -20.85 -19.44 10.08
C PHE A 87 -20.58 -20.09 8.71
N VAL A 88 -19.29 -20.47 8.48
CA VAL A 88 -18.96 -21.13 7.23
C VAL A 88 -18.13 -22.40 7.45
N ASP A 89 -18.57 -23.52 6.85
CA ASP A 89 -17.75 -24.73 6.92
C ASP A 89 -16.55 -24.67 5.95
N LYS A 90 -15.43 -24.09 6.35
CA LYS A 90 -14.27 -23.97 5.47
C LYS A 90 -13.76 -25.35 5.08
N ASP A 91 -13.79 -26.28 6.04
CA ASP A 91 -13.31 -27.65 5.82
C ASP A 91 -14.06 -28.37 4.71
N LYS A 92 -15.38 -28.26 4.74
CA LYS A 92 -16.19 -28.88 3.72
C LYS A 92 -15.76 -28.29 2.37
N ALA A 93 -15.73 -26.96 2.28
CA ALA A 93 -15.35 -26.33 1.02
C ALA A 93 -13.94 -26.73 0.57
N GLU A 94 -12.99 -26.81 1.49
CA GLU A 94 -11.63 -27.18 1.07
C GLU A 94 -11.57 -28.53 0.38
N ALA A 95 -12.17 -29.54 0.99
CA ALA A 95 -12.19 -30.89 0.45
C ALA A 95 -12.79 -30.88 -0.96
N LEU A 96 -13.86 -30.11 -1.14
CA LEU A 96 -14.49 -30.02 -2.44
C LEU A 96 -13.55 -29.57 -3.55
N VAL A 97 -12.92 -28.40 -3.38
CA VAL A 97 -11.94 -27.84 -4.29
C VAL A 97 -10.90 -28.89 -4.66
N PHE A 98 -10.39 -29.51 -3.61
CA PHE A 98 -9.32 -30.49 -3.79
C PHE A 98 -9.80 -31.66 -4.62
N LYS A 99 -11.06 -32.04 -4.40
CA LYS A 99 -11.67 -33.15 -5.11
C LYS A 99 -11.94 -32.80 -6.57
N LYS A 100 -12.54 -31.64 -6.82
CA LYS A 100 -12.83 -31.21 -8.18
C LYS A 100 -11.67 -30.53 -8.91
N VAL A 101 -10.98 -29.60 -8.24
CA VAL A 101 -9.89 -28.84 -8.85
C VAL A 101 -8.46 -29.37 -8.72
N PHE A 102 -8.13 -29.94 -7.56
CA PHE A 102 -6.79 -30.48 -7.26
C PHE A 102 -6.84 -31.96 -6.88
N PRO A 103 -7.50 -32.79 -7.69
CA PRO A 103 -7.62 -34.23 -7.40
C PRO A 103 -6.26 -34.88 -7.17
N GLU A 104 -5.25 -34.44 -7.92
CA GLU A 104 -3.91 -34.99 -7.77
C GLU A 104 -3.32 -34.69 -6.40
N PHE A 105 -3.83 -33.67 -5.72
CA PHE A 105 -3.30 -33.36 -4.40
C PHE A 105 -4.26 -33.72 -3.27
N TYR A 106 -5.36 -34.39 -3.60
CA TYR A 106 -6.34 -34.75 -2.57
C TYR A 106 -5.78 -35.64 -1.45
N GLU A 107 -4.90 -36.58 -1.80
CA GLU A 107 -4.34 -37.49 -0.80
C GLU A 107 -3.48 -36.73 0.21
N LEU A 108 -2.65 -35.80 -0.28
CA LEU A 108 -1.80 -35.01 0.60
C LEU A 108 -2.71 -34.18 1.52
N TYR A 109 -3.74 -33.60 0.94
CA TYR A 109 -4.67 -32.80 1.72
C TYR A 109 -5.34 -33.66 2.79
N ARG A 110 -5.94 -34.76 2.36
CA ARG A 110 -6.63 -35.69 3.27
C ARG A 110 -5.75 -36.11 4.45
N GLU A 111 -4.52 -36.56 4.18
CA GLU A 111 -3.62 -36.99 5.26
C GLU A 111 -3.28 -35.81 6.17
N TYR A 112 -3.15 -34.63 5.59
CA TYR A 112 -2.82 -33.45 6.36
C TYR A 112 -3.88 -33.13 7.41
N GLN A 113 -5.15 -33.18 6.99
CA GLN A 113 -6.27 -32.89 7.89
C GLN A 113 -6.40 -33.92 9.01
N GLU A 114 -5.95 -35.15 8.77
CA GLU A 114 -6.04 -36.19 9.78
C GLU A 114 -5.06 -35.95 10.90
N CYS A 115 -3.96 -35.27 10.57
CA CYS A 115 -2.94 -34.93 11.55
C CYS A 115 -2.53 -36.15 12.39
N SER A 116 -2.28 -37.27 11.72
CA SER A 116 -1.88 -38.51 12.41
C SER A 116 -0.42 -38.87 12.14
N SER A 117 -0.06 -38.94 10.86
CA SER A 117 1.29 -39.32 10.47
C SER A 117 2.32 -38.27 10.91
N PRO A 118 3.58 -38.67 11.00
CA PRO A 118 4.68 -37.77 11.41
C PRO A 118 4.74 -36.55 10.48
N GLU A 119 4.63 -36.80 9.17
CA GLU A 119 4.68 -35.72 8.21
C GLU A 119 3.54 -34.74 8.42
N ALA A 120 2.32 -35.27 8.56
CA ALA A 120 1.13 -34.45 8.75
C ALA A 120 1.22 -33.56 9.97
N GLN A 121 1.83 -34.08 11.04
CA GLN A 121 1.97 -33.30 12.27
C GLN A 121 3.05 -32.26 12.12
N LEU A 122 4.11 -32.62 11.41
CA LEU A 122 5.22 -31.72 11.16
C LEU A 122 4.74 -30.47 10.42
N VAL A 123 3.96 -30.67 9.36
CA VAL A 123 3.47 -29.55 8.59
C VAL A 123 2.54 -28.70 9.45
N ARG A 124 1.72 -29.37 10.27
CA ARG A 124 0.78 -28.68 11.13
C ARG A 124 1.52 -27.80 12.13
N ILE A 125 2.66 -28.30 12.63
CA ILE A 125 3.48 -27.57 13.58
C ILE A 125 4.12 -26.38 12.87
N ALA A 126 4.65 -26.64 11.67
CA ALA A 126 5.28 -25.61 10.85
C ALA A 126 4.26 -24.52 10.58
N ASP A 127 3.06 -24.94 10.23
CA ASP A 127 1.99 -24.01 9.96
C ASP A 127 1.76 -23.07 11.13
N LYS A 128 1.76 -23.64 12.33
CA LYS A 128 1.53 -22.86 13.53
C LYS A 128 2.71 -22.00 13.92
N LEU A 129 3.92 -22.51 13.71
CA LEU A 129 5.10 -21.74 14.05
C LEU A 129 5.22 -20.49 13.19
N ASP A 130 5.00 -20.62 11.88
CA ASP A 130 5.07 -19.47 11.00
C ASP A 130 4.10 -18.43 11.53
N MET A 131 2.89 -18.88 11.86
CA MET A 131 1.89 -17.96 12.36
C MET A 131 2.30 -17.24 13.65
N ILE A 132 2.77 -18.01 14.63
CA ILE A 132 3.18 -17.43 15.91
C ILE A 132 4.32 -16.43 15.65
N LEU A 133 5.34 -16.87 14.92
CA LEU A 133 6.46 -15.99 14.59
C LEU A 133 6.02 -14.78 13.78
N GLN A 134 4.91 -14.93 13.06
CA GLN A 134 4.40 -13.83 12.24
C GLN A 134 3.70 -12.84 13.14
N ALA A 135 3.05 -13.36 14.18
CA ALA A 135 2.34 -12.51 15.13
C ALA A 135 3.40 -11.74 15.92
N TYR A 136 4.50 -12.43 16.20
CA TYR A 136 5.62 -11.84 16.91
C TYR A 136 6.10 -10.61 16.16
N GLN A 137 6.38 -10.79 14.87
CA GLN A 137 6.85 -9.70 14.04
C GLN A 137 5.86 -8.54 13.99
N TYR A 138 4.57 -8.83 13.91
CA TYR A 138 3.58 -7.75 13.83
C TYR A 138 3.40 -7.03 15.16
N GLU A 139 3.91 -7.60 16.24
CA GLU A 139 3.78 -6.97 17.55
C GLU A 139 4.93 -6.01 17.67
N LEU A 140 6.06 -6.38 17.07
CA LEU A 140 7.23 -5.51 17.09
C LEU A 140 6.88 -4.29 16.26
N SER A 141 5.98 -4.48 15.28
CA SER A 141 5.53 -3.39 14.41
C SER A 141 4.52 -2.50 15.14
N GLY A 142 4.10 -2.92 16.33
CA GLY A 142 3.16 -2.11 17.09
C GLY A 142 1.74 -2.62 17.30
N ASN A 143 1.34 -3.68 16.62
CA ASN A 143 -0.02 -4.16 16.80
C ASN A 143 -0.14 -4.81 18.17
N LYS A 144 -1.11 -4.37 18.96
CA LYS A 144 -1.23 -4.94 20.29
C LYS A 144 -2.41 -5.86 20.57
N ASN A 145 -3.01 -6.43 19.53
CA ASN A 145 -4.13 -7.33 19.75
C ASN A 145 -3.98 -8.67 19.05
N LEU A 146 -2.78 -9.24 19.11
CA LEU A 146 -2.49 -10.53 18.49
C LEU A 146 -2.20 -11.54 19.58
N ASP A 147 -2.53 -11.18 20.81
CA ASP A 147 -2.31 -12.02 21.97
C ASP A 147 -2.75 -13.48 21.81
N GLU A 148 -3.99 -13.68 21.38
CA GLU A 148 -4.52 -15.02 21.20
C GLU A 148 -3.62 -15.95 20.40
N PHE A 149 -3.10 -15.45 19.30
CA PHE A 149 -2.22 -16.24 18.44
C PHE A 149 -1.12 -17.02 19.18
N TRP A 150 -0.75 -16.58 20.37
CA TRP A 150 0.28 -17.30 21.12
C TRP A 150 -0.18 -18.60 21.76
N GLU A 151 -1.50 -18.81 21.87
CA GLU A 151 -1.97 -20.05 22.46
C GLU A 151 -1.90 -21.23 21.49
N ALA A 152 -1.23 -21.01 20.36
CA ALA A 152 -1.05 -22.04 19.35
C ALA A 152 0.13 -22.91 19.77
N ILE A 153 0.93 -22.42 20.72
CA ILE A 153 2.06 -23.20 21.23
C ILE A 153 1.46 -24.38 22.00
N GLU A 154 0.32 -24.14 22.66
CA GLU A 154 -0.34 -25.21 23.41
C GLU A 154 -0.88 -26.22 22.41
N GLU A 155 -1.50 -25.73 21.35
CA GLU A 155 -2.06 -26.60 20.32
C GLU A 155 -0.97 -27.50 19.73
N ILE A 156 0.25 -27.00 19.68
CA ILE A 156 1.38 -27.76 19.16
C ILE A 156 1.79 -28.85 20.14
N LYS A 157 1.76 -28.51 21.43
CA LYS A 157 2.14 -29.48 22.48
C LYS A 157 1.23 -30.73 22.44
N ARG A 158 -0.02 -30.55 22.03
CA ARG A 158 -0.98 -31.66 21.95
C ARG A 158 -0.63 -32.69 20.88
N LEU A 159 0.38 -32.40 20.08
CA LEU A 159 0.76 -33.32 19.01
C LEU A 159 1.96 -34.15 19.44
N GLU A 160 1.86 -35.45 19.23
CA GLU A 160 2.94 -36.36 19.61
C GLU A 160 4.31 -35.89 19.16
N LEU A 161 4.42 -35.62 17.87
CA LEU A 161 5.67 -35.18 17.26
C LEU A 161 6.39 -34.06 18.01
N SER A 162 5.63 -33.19 18.69
CA SER A 162 6.23 -32.06 19.41
C SER A 162 7.22 -32.52 20.47
N LYS A 163 6.98 -33.71 21.00
CA LYS A 163 7.84 -34.34 21.99
C LYS A 163 9.32 -34.20 21.61
N TYR A 164 9.62 -34.28 20.32
CA TYR A 164 10.99 -34.16 19.81
C TYR A 164 11.44 -32.71 19.62
N LEU A 165 10.53 -31.75 19.84
CA LEU A 165 10.84 -30.34 19.63
C LEU A 165 10.64 -29.40 20.82
N GLU A 166 10.51 -29.95 22.01
CA GLU A 166 10.30 -29.15 23.22
C GLU A 166 11.23 -27.92 23.35
N ASP A 167 12.53 -28.17 23.23
CA ASP A 167 13.52 -27.10 23.35
C ASP A 167 13.17 -25.92 22.46
N ILE A 168 12.82 -26.22 21.22
CA ILE A 168 12.48 -25.19 20.24
C ILE A 168 11.19 -24.45 20.61
N LEU A 169 10.16 -25.18 21.01
CA LEU A 169 8.90 -24.57 21.39
C LEU A 169 9.11 -23.64 22.58
N ASN A 170 10.12 -23.95 23.39
CA ASN A 170 10.43 -23.14 24.56
C ASN A 170 11.07 -21.83 24.13
N SER A 171 11.97 -21.89 23.14
CA SER A 171 12.61 -20.69 22.63
C SER A 171 11.56 -19.78 22.00
N VAL A 172 10.53 -20.38 21.42
CA VAL A 172 9.46 -19.63 20.78
C VAL A 172 8.61 -18.92 21.80
N GLY A 173 8.17 -19.67 22.81
CA GLY A 173 7.34 -19.09 23.85
C GLY A 173 8.08 -18.03 24.63
N ARG A 174 9.40 -18.14 24.59
CA ARG A 174 10.28 -17.21 25.27
C ARG A 174 10.31 -15.84 24.58
N LEU A 175 9.90 -15.80 23.31
CA LEU A 175 9.88 -14.58 22.53
C LEU A 175 8.73 -13.64 22.92
N LYS A 176 7.69 -14.20 23.55
CA LYS A 176 6.54 -13.41 23.95
C LYS A 176 6.90 -12.46 25.09
N MET B 4 19.53 16.05 -19.81
CA MET B 4 18.90 14.98 -20.66
C MET B 4 17.82 14.20 -19.91
N ILE B 5 16.73 13.96 -20.63
CA ILE B 5 15.56 13.25 -20.15
C ILE B 5 15.86 11.84 -19.64
N GLU B 6 16.79 11.15 -20.27
CA GLU B 6 17.13 9.79 -19.85
C GLU B 6 17.71 9.81 -18.42
N LYS B 7 18.62 10.74 -18.16
CA LYS B 7 19.25 10.86 -16.84
C LYS B 7 18.16 11.16 -15.81
N ILE B 8 17.37 12.20 -16.05
CA ILE B 8 16.30 12.57 -15.11
C ILE B 8 15.35 11.40 -14.80
N LEU B 9 14.84 10.72 -15.83
CA LEU B 9 13.97 9.56 -15.63
C LEU B 9 14.65 8.55 -14.70
N LEU B 10 15.94 8.36 -14.90
CA LEU B 10 16.69 7.35 -14.11
C LEU B 10 16.68 7.71 -12.61
N VAL B 11 17.08 8.96 -12.33
CA VAL B 11 17.13 9.48 -10.96
C VAL B 11 15.75 9.44 -10.30
N GLN B 12 14.73 9.60 -11.15
CA GLN B 12 13.35 9.56 -10.67
C GLN B 12 12.95 8.16 -10.15
N THR B 13 13.76 7.16 -10.52
CA THR B 13 13.55 5.80 -10.04
C THR B 13 13.62 5.83 -8.50
N LEU B 14 14.32 6.85 -7.96
CA LEU B 14 14.48 7.00 -6.52
C LEU B 14 13.16 7.20 -5.78
N LYS B 15 12.15 7.70 -6.49
CA LYS B 15 10.83 7.90 -5.90
C LYS B 15 10.17 6.54 -5.66
N ARG B 16 10.58 5.55 -6.44
CA ARG B 16 10.04 4.19 -6.37
C ARG B 16 10.80 3.25 -5.43
N LEU B 17 12.12 3.40 -5.36
CA LEU B 17 12.89 2.52 -4.49
C LEU B 17 12.72 2.92 -3.04
N PRO B 18 12.55 1.91 -2.17
CA PRO B 18 12.35 2.14 -0.73
C PRO B 18 13.67 2.19 0.03
N ARG B 19 13.65 2.83 1.20
CA ARG B 19 14.83 2.87 2.05
C ARG B 19 14.72 1.53 2.78
N MET B 20 15.56 0.59 2.37
CA MET B 20 15.56 -0.77 2.88
C MET B 20 15.66 -1.07 4.38
N GLY B 21 16.42 -0.28 5.12
CA GLY B 21 16.54 -0.53 6.55
C GLY B 21 15.19 -0.59 7.23
N TRP B 22 14.27 0.27 6.82
CA TRP B 22 12.94 0.31 7.40
C TRP B 22 12.16 -1.00 7.14
N LEU B 23 12.20 -1.49 5.89
CA LEU B 23 11.51 -2.74 5.55
C LEU B 23 12.00 -3.89 6.41
N ILE B 24 13.31 -4.07 6.43
CA ILE B 24 13.89 -5.14 7.21
C ILE B 24 13.41 -5.06 8.66
N LYS B 25 13.21 -3.85 9.17
CA LYS B 25 12.74 -3.67 10.54
C LYS B 25 11.22 -3.80 10.63
N GLY B 26 10.59 -4.11 9.51
CA GLY B 26 9.15 -4.29 9.48
C GLY B 26 8.28 -3.03 9.41
N VAL B 27 8.80 -1.91 8.93
CA VAL B 27 7.97 -0.72 8.87
C VAL B 27 7.03 -0.77 7.67
N GLN B 28 5.77 -0.44 7.87
CA GLN B 28 4.81 -0.42 6.78
C GLN B 28 4.96 0.85 5.95
N GLU B 29 5.04 0.68 4.62
CA GLU B 29 5.14 1.84 3.74
C GLU B 29 6.32 2.72 4.11
N PRO B 30 7.54 2.20 3.94
CA PRO B 30 8.75 2.97 4.27
C PRO B 30 8.96 4.08 3.23
N GLU B 31 9.62 5.15 3.64
CA GLU B 31 9.92 6.26 2.75
C GLU B 31 10.73 5.79 1.54
N SER B 32 10.73 6.59 0.48
CA SER B 32 11.53 6.25 -0.70
C SER B 32 12.88 6.93 -0.52
N ILE B 33 13.84 6.57 -1.37
CA ILE B 33 15.16 7.18 -1.32
C ILE B 33 15.02 8.68 -1.62
N ALA B 34 14.08 9.02 -2.49
CA ALA B 34 13.85 10.41 -2.85
C ALA B 34 13.29 11.17 -1.67
N ASP B 35 12.41 10.55 -0.88
CA ASP B 35 11.83 11.23 0.30
C ASP B 35 12.97 11.60 1.24
N HIS B 36 13.85 10.63 1.43
CA HIS B 36 15.00 10.77 2.30
C HIS B 36 15.92 11.87 1.80
N SER B 37 16.18 11.87 0.49
CA SER B 37 17.05 12.87 -0.09
C SER B 37 16.46 14.25 0.10
N PHE B 38 15.17 14.39 -0.15
CA PHE B 38 14.57 15.70 0.03
C PHE B 38 14.86 16.18 1.44
N GLY B 39 14.58 15.32 2.42
CA GLY B 39 14.82 15.65 3.81
C GLY B 39 16.25 16.06 4.09
N VAL B 40 17.21 15.30 3.57
CA VAL B 40 18.61 15.64 3.76
C VAL B 40 18.86 17.06 3.21
N ALA B 41 18.34 17.31 2.01
CA ALA B 41 18.47 18.62 1.37
C ALA B 41 17.86 19.74 2.19
N PHE B 42 16.74 19.50 2.85
CA PHE B 42 16.10 20.54 3.66
C PHE B 42 16.87 20.80 4.95
N ILE B 43 17.33 19.73 5.59
CA ILE B 43 18.07 19.85 6.82
C ILE B 43 19.40 20.54 6.50
N THR B 44 19.98 20.18 5.37
CA THR B 44 21.24 20.80 4.96
C THR B 44 21.02 22.31 4.82
N LEU B 45 19.90 22.69 4.22
CA LEU B 45 19.60 24.11 4.05
C LEU B 45 19.51 24.79 5.42
N VAL B 46 18.58 24.31 6.24
CA VAL B 46 18.36 24.82 7.57
C VAL B 46 19.61 24.88 8.45
N LEU B 47 20.37 23.78 8.51
CA LEU B 47 21.57 23.78 9.33
C LEU B 47 22.61 24.75 8.78
N ALA B 48 22.67 24.86 7.46
CA ALA B 48 23.63 25.75 6.80
C ALA B 48 23.48 27.18 7.33
N ASP B 49 22.25 27.67 7.34
CA ASP B 49 22.00 29.02 7.83
C ASP B 49 22.18 29.16 9.32
N VAL B 50 22.16 28.03 10.04
CA VAL B 50 22.38 28.07 11.48
C VAL B 50 23.87 28.30 11.70
N LEU B 51 24.67 27.55 10.93
CA LEU B 51 26.12 27.62 10.99
C LEU B 51 26.56 29.01 10.53
N GLU B 52 25.91 29.50 9.48
CA GLU B 52 26.16 30.82 8.92
C GLU B 52 26.10 31.84 10.04
N LYS B 53 24.98 31.97 10.75
CA LYS B 53 24.94 33.00 11.79
C LYS B 53 25.59 32.61 13.11
N ARG B 54 26.52 31.65 13.06
CA ARG B 54 27.28 31.21 14.22
C ARG B 54 28.76 31.31 13.85
N GLY B 55 29.07 32.09 12.83
CA GLY B 55 30.45 32.29 12.42
C GLY B 55 31.09 31.26 11.50
N LYS B 56 30.47 30.10 11.35
CA LYS B 56 31.03 29.04 10.51
C LYS B 56 30.62 29.24 9.06
N ARG B 57 31.60 29.47 8.21
CA ARG B 57 31.30 29.72 6.83
C ARG B 57 31.12 28.41 6.03
N ILE B 58 30.07 28.33 5.22
CA ILE B 58 29.77 27.12 4.46
C ILE B 58 29.52 27.46 2.99
N ASP B 59 30.08 26.67 2.09
CA ASP B 59 29.81 26.89 0.68
C ASP B 59 28.44 26.24 0.53
N VAL B 60 27.39 27.02 0.71
CA VAL B 60 26.03 26.49 0.62
C VAL B 60 25.72 25.81 -0.71
N GLU B 61 26.09 26.45 -1.81
CA GLU B 61 25.84 25.87 -3.11
C GLU B 61 26.38 24.44 -3.20
N LYS B 62 27.65 24.26 -2.84
CA LYS B 62 28.23 22.92 -2.90
C LYS B 62 27.49 21.93 -2.01
N ALA B 63 27.15 22.39 -0.80
CA ALA B 63 26.45 21.59 0.19
C ALA B 63 25.10 21.07 -0.37
N LEU B 64 24.26 21.99 -0.84
CA LEU B 64 22.96 21.65 -1.39
C LEU B 64 23.11 20.67 -2.55
N LYS B 65 24.08 20.90 -3.42
CA LYS B 65 24.31 20.00 -4.54
C LYS B 65 24.72 18.63 -4.01
N MET B 66 25.59 18.66 -3.00
CA MET B 66 26.11 17.44 -2.40
C MET B 66 24.98 16.63 -1.75
N ALA B 67 24.06 17.31 -1.08
CA ALA B 67 22.94 16.65 -0.44
C ALA B 67 22.01 16.05 -1.50
N ILE B 68 21.77 16.80 -2.58
CA ILE B 68 20.90 16.33 -3.65
C ILE B 68 21.39 15.06 -4.35
N VAL B 69 22.70 14.93 -4.53
CA VAL B 69 23.21 13.78 -5.25
C VAL B 69 23.96 12.76 -4.44
N HIS B 70 23.90 12.87 -3.11
CA HIS B 70 24.66 11.93 -2.28
C HIS B 70 24.24 10.47 -2.39
N ASP B 71 22.96 10.20 -2.59
CA ASP B 71 22.53 8.82 -2.71
C ASP B 71 22.12 8.51 -4.12
N LEU B 72 22.56 9.33 -5.06
CA LEU B 72 22.19 9.15 -6.45
C LEU B 72 22.56 7.79 -7.08
N ALA B 73 23.65 7.18 -6.64
CA ALA B 73 24.06 5.89 -7.21
C ALA B 73 23.01 4.81 -6.98
N GLU B 74 22.22 4.99 -5.92
CA GLU B 74 21.19 4.01 -5.59
C GLU B 74 20.10 3.92 -6.65
N ALA B 75 20.03 4.92 -7.52
CA ALA B 75 19.04 4.90 -8.59
C ALA B 75 19.30 3.65 -9.43
N ILE B 76 20.52 3.13 -9.32
CA ILE B 76 20.85 1.93 -10.08
C ILE B 76 21.13 0.76 -9.15
N ILE B 77 21.82 1.06 -8.06
CA ILE B 77 22.22 0.05 -7.08
C ILE B 77 21.13 -0.35 -6.07
N THR B 78 20.22 0.59 -5.81
CA THR B 78 19.15 0.45 -4.81
C THR B 78 19.82 0.70 -3.47
N ASP B 79 19.01 0.98 -2.46
CA ASP B 79 19.52 1.25 -1.12
C ASP B 79 19.89 -0.03 -0.37
N ILE B 80 20.99 -0.66 -0.77
CA ILE B 80 21.46 -1.88 -0.12
C ILE B 80 21.62 -1.63 1.38
N PRO B 81 20.83 -2.31 2.22
CA PRO B 81 20.90 -2.12 3.68
C PRO B 81 22.25 -2.39 4.32
N LEU B 82 22.47 -1.76 5.46
CA LEU B 82 23.70 -1.90 6.21
C LEU B 82 23.92 -3.34 6.67
N SER B 83 22.83 -4.09 6.86
CA SER B 83 22.94 -5.48 7.29
C SER B 83 23.51 -6.31 6.14
N ALA B 84 23.32 -5.85 4.91
CA ALA B 84 23.80 -6.54 3.73
C ALA B 84 25.23 -6.17 3.34
N GLN B 85 25.68 -5.01 3.77
CA GLN B 85 27.02 -4.55 3.43
C GLN B 85 28.17 -5.37 4.00
N GLU B 86 27.85 -6.40 4.77
CA GLU B 86 28.90 -7.25 5.33
C GLU B 86 29.28 -8.26 4.26
N PHE B 87 28.44 -8.36 3.24
CA PHE B 87 28.65 -9.32 2.17
C PHE B 87 28.79 -8.63 0.80
N VAL B 88 28.40 -7.34 0.78
CA VAL B 88 28.47 -6.56 -0.45
C VAL B 88 29.21 -5.24 -0.25
N ASP B 89 30.14 -4.92 -1.18
CA ASP B 89 30.81 -3.62 -1.09
C ASP B 89 30.00 -2.51 -1.76
N LYS B 90 29.05 -1.93 -1.04
CA LYS B 90 28.23 -0.87 -1.59
C LYS B 90 29.11 0.30 -2.04
N ASP B 91 30.12 0.61 -1.24
CA ASP B 91 31.05 1.72 -1.54
C ASP B 91 31.71 1.57 -2.91
N LYS B 92 32.24 0.39 -3.19
CA LYS B 92 32.90 0.17 -4.46
C LYS B 92 31.88 0.30 -5.59
N ALA B 93 30.68 -0.24 -5.39
CA ALA B 93 29.67 -0.15 -6.42
C ALA B 93 29.26 1.30 -6.67
N GLU B 94 29.10 2.09 -5.61
CA GLU B 94 28.71 3.48 -5.76
C GLU B 94 29.71 4.26 -6.60
N ALA B 95 30.98 4.19 -6.22
CA ALA B 95 32.04 4.88 -6.93
C ALA B 95 31.92 4.59 -8.43
N LEU B 96 31.74 3.32 -8.75
CA LEU B 96 31.62 2.86 -10.14
C LEU B 96 30.49 3.49 -10.94
N VAL B 97 29.29 3.49 -10.39
CA VAL B 97 28.09 4.12 -10.91
C VAL B 97 28.39 5.57 -11.21
N PHE B 98 29.05 6.16 -10.23
CA PHE B 98 29.28 7.60 -10.29
C PHE B 98 30.28 7.98 -11.39
N LYS B 99 31.36 7.23 -11.58
CA LYS B 99 32.27 7.60 -12.65
C LYS B 99 31.85 7.03 -14.00
N LYS B 100 30.92 6.08 -14.03
CA LYS B 100 30.44 5.63 -15.36
C LYS B 100 29.15 6.34 -15.81
N VAL B 101 28.22 6.52 -14.85
CA VAL B 101 26.90 7.02 -15.18
C VAL B 101 26.77 8.50 -14.81
N PHE B 102 27.49 8.87 -13.73
CA PHE B 102 27.33 10.19 -13.12
C PHE B 102 28.67 10.92 -12.99
N PRO B 103 29.42 10.90 -14.10
CA PRO B 103 30.75 11.48 -14.02
C PRO B 103 30.83 12.97 -13.62
N GLU B 104 29.77 13.67 -14.00
CA GLU B 104 29.65 15.08 -13.66
C GLU B 104 29.46 15.30 -12.18
N PHE B 105 29.10 14.25 -11.45
CA PHE B 105 28.88 14.37 -10.01
C PHE B 105 29.92 13.60 -9.20
N TYR B 106 30.87 12.98 -9.89
CA TYR B 106 31.86 12.17 -9.16
C TYR B 106 32.68 12.98 -8.14
N GLU B 107 32.96 14.26 -8.42
CA GLU B 107 33.71 15.08 -7.48
C GLU B 107 32.94 15.30 -6.19
N LEU B 108 31.67 15.69 -6.31
CA LEU B 108 30.82 15.90 -5.15
C LEU B 108 30.74 14.59 -4.36
N TYR B 109 30.55 13.49 -5.07
CA TYR B 109 30.49 12.20 -4.40
C TYR B 109 31.77 11.95 -3.59
N ARG B 110 32.90 12.01 -4.30
CA ARG B 110 34.23 11.78 -3.72
C ARG B 110 34.48 12.66 -2.49
N GLU B 111 34.16 13.94 -2.57
CA GLU B 111 34.37 14.80 -1.42
C GLU B 111 33.45 14.39 -0.27
N TYR B 112 32.23 13.96 -0.60
CA TYR B 112 31.25 13.53 0.41
C TYR B 112 31.73 12.32 1.21
N GLN B 113 32.27 11.33 0.50
CA GLN B 113 32.78 10.12 1.12
C GLN B 113 33.92 10.39 2.09
N GLU B 114 34.74 11.39 1.78
CA GLU B 114 35.89 11.74 2.62
C GLU B 114 35.47 12.33 3.97
N CYS B 115 34.29 12.94 3.98
CA CYS B 115 33.76 13.52 5.20
C CYS B 115 34.80 14.42 5.91
N SER B 116 35.53 15.23 5.15
CA SER B 116 36.53 16.11 5.76
C SER B 116 36.12 17.59 5.71
N SER B 117 35.67 18.05 4.56
CA SER B 117 35.26 19.43 4.41
C SER B 117 34.02 19.78 5.22
N PRO B 118 33.79 21.08 5.43
CA PRO B 118 32.63 21.53 6.20
C PRO B 118 31.33 21.10 5.52
N GLU B 119 31.31 21.23 4.19
CA GLU B 119 30.14 20.84 3.41
C GLU B 119 29.89 19.34 3.50
N ALA B 120 30.93 18.55 3.29
CA ALA B 120 30.84 17.11 3.36
C ALA B 120 30.27 16.64 4.70
N GLN B 121 30.78 17.20 5.80
CA GLN B 121 30.32 16.83 7.13
C GLN B 121 28.90 17.29 7.41
N LEU B 122 28.54 18.44 6.83
CA LEU B 122 27.21 19.00 6.99
C LEU B 122 26.19 18.04 6.36
N VAL B 123 26.46 17.64 5.13
CA VAL B 123 25.57 16.74 4.43
C VAL B 123 25.46 15.42 5.20
N ARG B 124 26.60 14.90 5.64
CA ARG B 124 26.63 13.65 6.40
C ARG B 124 25.74 13.79 7.63
N ILE B 125 25.81 14.94 8.30
CA ILE B 125 25.00 15.19 9.50
C ILE B 125 23.53 15.26 9.14
N ALA B 126 23.23 15.87 7.99
CA ALA B 126 21.86 16.01 7.50
C ALA B 126 21.31 14.61 7.23
N ASP B 127 22.17 13.78 6.67
CA ASP B 127 21.82 12.43 6.33
C ASP B 127 21.37 11.66 7.55
N LYS B 128 22.17 11.73 8.60
CA LYS B 128 21.94 11.03 9.86
C LYS B 128 20.81 11.56 10.70
N LEU B 129 20.53 12.84 10.55
CA LEU B 129 19.46 13.47 11.30
C LEU B 129 18.10 13.15 10.71
N ASP B 130 18.04 13.09 9.38
CA ASP B 130 16.81 12.79 8.70
C ASP B 130 16.40 11.39 9.13
N MET B 131 17.37 10.49 9.15
CA MET B 131 17.14 9.11 9.53
C MET B 131 16.70 9.01 10.99
N ILE B 132 17.44 9.67 11.89
CA ILE B 132 17.11 9.62 13.30
C ILE B 132 15.71 10.14 13.52
N LEU B 133 15.38 11.22 12.82
CA LEU B 133 14.07 11.82 12.96
C LEU B 133 12.99 10.96 12.28
N GLN B 134 13.41 10.17 11.29
CA GLN B 134 12.50 9.31 10.57
C GLN B 134 12.17 8.12 11.47
N ALA B 135 13.20 7.64 12.18
CA ALA B 135 13.03 6.51 13.09
C ALA B 135 12.06 6.95 14.18
N TYR B 136 12.28 8.16 14.66
CA TYR B 136 11.42 8.73 15.69
C TYR B 136 9.96 8.63 15.22
N GLN B 137 9.67 9.09 14.00
CA GLN B 137 8.30 9.06 13.47
C GLN B 137 7.73 7.65 13.37
N TYR B 138 8.53 6.71 12.88
CA TYR B 138 8.04 5.36 12.76
C TYR B 138 7.78 4.75 14.12
N GLU B 139 8.47 5.25 15.15
CA GLU B 139 8.24 4.71 16.50
C GLU B 139 6.90 5.21 17.00
N LEU B 140 6.53 6.44 16.63
CA LEU B 140 5.24 7.00 17.02
C LEU B 140 4.14 6.24 16.29
N SER B 141 4.53 5.54 15.22
CA SER B 141 3.57 4.75 14.43
C SER B 141 3.39 3.39 15.09
N GLY B 142 4.30 3.05 16.00
CA GLY B 142 4.17 1.79 16.70
C GLY B 142 5.34 0.85 16.56
N ASN B 143 6.24 1.10 15.61
CA ASN B 143 7.37 0.20 15.42
C ASN B 143 8.32 0.31 16.59
N LYS B 144 8.58 -0.80 17.27
CA LYS B 144 9.44 -0.77 18.43
C LYS B 144 10.83 -1.39 18.31
N ASN B 145 11.32 -1.65 17.12
CA ASN B 145 12.67 -2.21 17.01
C ASN B 145 13.61 -1.35 16.18
N LEU B 146 13.46 -0.04 16.32
CA LEU B 146 14.26 0.96 15.60
C LEU B 146 15.30 1.58 16.52
N ASP B 147 15.44 1.00 17.71
CA ASP B 147 16.37 1.47 18.73
C ASP B 147 17.80 1.79 18.26
N GLU B 148 18.41 0.86 17.55
CA GLU B 148 19.78 1.06 17.07
C GLU B 148 19.97 2.40 16.34
N PHE B 149 19.02 2.76 15.48
CA PHE B 149 19.10 4.02 14.72
C PHE B 149 19.46 5.27 15.53
N TRP B 150 19.20 5.24 16.84
CA TRP B 150 19.49 6.41 17.65
C TRP B 150 20.95 6.59 17.99
N GLU B 151 21.77 5.57 17.75
CA GLU B 151 23.17 5.68 18.06
C GLU B 151 23.94 6.41 16.98
N ALA B 152 23.18 7.02 16.06
CA ALA B 152 23.75 7.79 14.98
C ALA B 152 24.05 9.17 15.54
N ILE B 153 23.51 9.46 16.72
CA ILE B 153 23.78 10.74 17.36
C ILE B 153 25.25 10.74 17.76
N GLU B 154 25.75 9.58 18.17
CA GLU B 154 27.14 9.48 18.56
C GLU B 154 28.03 9.59 17.34
N GLU B 155 27.58 9.02 16.23
CA GLU B 155 28.33 9.07 14.99
C GLU B 155 28.48 10.52 14.53
N ILE B 156 27.49 11.34 14.84
CA ILE B 156 27.50 12.75 14.46
C ILE B 156 28.51 13.50 15.35
N LYS B 157 28.51 13.17 16.64
CA LYS B 157 29.39 13.79 17.62
C LYS B 157 30.86 13.65 17.23
N ARG B 158 31.18 12.59 16.51
CA ARG B 158 32.54 12.31 16.08
C ARG B 158 33.03 13.21 14.92
N LEU B 159 32.17 14.09 14.44
CA LEU B 159 32.53 14.98 13.35
C LEU B 159 32.72 16.38 13.90
N GLU B 160 33.84 17.00 13.55
CA GLU B 160 34.16 18.34 14.02
C GLU B 160 32.99 19.31 13.92
N LEU B 161 32.41 19.40 12.74
CA LEU B 161 31.30 20.32 12.51
C LEU B 161 30.17 20.27 13.54
N SER B 162 29.99 19.13 14.20
CA SER B 162 28.93 19.01 15.19
C SER B 162 29.16 19.98 16.36
N LYS B 163 30.42 20.34 16.55
CA LYS B 163 30.79 21.27 17.61
C LYS B 163 29.90 22.51 17.60
N TYR B 164 29.46 22.91 16.41
CA TYR B 164 28.63 24.09 16.25
C TYR B 164 27.14 23.78 16.43
N LEU B 165 26.82 22.49 16.61
CA LEU B 165 25.42 22.09 16.73
C LEU B 165 25.00 21.38 18.02
N GLU B 166 25.90 21.29 19.00
CA GLU B 166 25.59 20.60 20.25
C GLU B 166 24.18 20.83 20.82
N ASP B 167 23.71 22.08 20.79
CA ASP B 167 22.39 22.38 21.34
C ASP B 167 21.29 21.63 20.59
N ILE B 168 21.41 21.61 19.27
CA ILE B 168 20.43 20.93 18.43
C ILE B 168 20.46 19.43 18.67
N LEU B 169 21.65 18.83 18.56
CA LEU B 169 21.80 17.39 18.78
C LEU B 169 21.18 16.95 20.09
N ASN B 170 21.20 17.84 21.08
CA ASN B 170 20.65 17.54 22.39
C ASN B 170 19.14 17.46 22.33
N SER B 171 18.53 18.36 21.56
CA SER B 171 17.08 18.36 21.42
C SER B 171 16.66 17.06 20.74
N VAL B 172 17.43 16.64 19.75
CA VAL B 172 17.15 15.42 19.04
C VAL B 172 17.18 14.23 19.98
N GLY B 173 18.30 14.03 20.64
CA GLY B 173 18.43 12.91 21.57
C GLY B 173 17.39 12.98 22.68
N ARG B 174 16.82 14.16 22.85
CA ARG B 174 15.81 14.39 23.88
C ARG B 174 14.47 13.82 23.43
N LEU B 175 14.34 13.60 22.12
CA LEU B 175 13.09 13.08 21.55
C LEU B 175 12.89 11.60 21.87
N LYS B 176 13.97 10.86 22.00
CA LYS B 176 13.91 9.44 22.30
C LYS B 176 13.25 9.15 23.65
N MET C 4 -27.39 10.75 -12.78
CA MET C 4 -26.40 10.79 -13.90
C MET C 4 -25.10 10.09 -13.51
N ILE C 5 -24.48 9.47 -14.50
CA ILE C 5 -23.23 8.74 -14.35
C ILE C 5 -22.04 9.63 -14.03
N GLU C 6 -22.02 10.84 -14.57
CA GLU C 6 -20.91 11.75 -14.31
C GLU C 6 -20.84 12.07 -12.80
N LYS C 7 -21.98 12.43 -12.22
CA LYS C 7 -22.05 12.75 -10.80
C LYS C 7 -21.59 11.57 -9.92
N ILE C 8 -22.10 10.38 -10.22
CA ILE C 8 -21.76 9.18 -9.46
C ILE C 8 -20.27 8.91 -9.53
N LEU C 9 -19.71 9.04 -10.73
CA LEU C 9 -18.29 8.84 -10.94
C LEU C 9 -17.50 9.86 -10.13
N LEU C 10 -18.04 11.07 -10.03
CA LEU C 10 -17.38 12.12 -9.28
C LEU C 10 -17.33 11.79 -7.78
N VAL C 11 -18.49 11.45 -7.21
CA VAL C 11 -18.54 11.12 -5.78
C VAL C 11 -17.79 9.83 -5.48
N GLN C 12 -17.60 8.96 -6.46
CA GLN C 12 -16.87 7.71 -6.21
C GLN C 12 -15.39 7.99 -5.96
N THR C 13 -14.97 9.23 -6.16
CA THR C 13 -13.57 9.65 -5.94
C THR C 13 -13.26 9.53 -4.45
N LEU C 14 -14.31 9.67 -3.65
CA LEU C 14 -14.21 9.56 -2.20
C LEU C 14 -13.55 8.25 -1.76
N LYS C 15 -13.74 7.20 -2.55
CA LYS C 15 -13.15 5.89 -2.26
C LYS C 15 -11.64 6.01 -2.39
N ARG C 16 -11.20 6.94 -3.23
CA ARG C 16 -9.77 7.14 -3.56
C ARG C 16 -9.06 8.16 -2.65
N LEU C 17 -9.83 9.15 -2.15
CA LEU C 17 -9.18 10.17 -1.33
C LEU C 17 -9.10 9.73 0.13
N PRO C 18 -7.89 9.91 0.70
CA PRO C 18 -7.62 9.56 2.11
C PRO C 18 -8.18 10.62 3.09
N ARG C 19 -8.39 10.16 4.31
CA ARG C 19 -8.83 11.04 5.39
C ARG C 19 -7.47 11.55 5.91
N MET C 20 -7.14 12.76 5.47
CA MET C 20 -5.88 13.43 5.75
C MET C 20 -5.36 13.49 7.20
N GLY C 21 -6.25 13.70 8.17
CA GLY C 21 -5.82 13.76 9.55
C GLY C 21 -4.95 12.58 9.97
N TRP C 22 -5.32 11.38 9.53
CA TRP C 22 -4.58 10.18 9.87
C TRP C 22 -3.19 10.19 9.23
N LEU C 23 -3.10 10.63 7.98
CA LEU C 23 -1.82 10.69 7.26
C LEU C 23 -0.83 11.59 7.98
N ILE C 24 -1.29 12.78 8.30
CA ILE C 24 -0.46 13.75 8.99
C ILE C 24 0.05 13.19 10.32
N LYS C 25 -0.75 12.32 10.95
CA LYS C 25 -0.37 11.72 12.21
C LYS C 25 0.50 10.48 12.03
N GLY C 26 0.80 10.15 10.78
CA GLY C 26 1.65 9.00 10.50
C GLY C 26 0.94 7.65 10.41
N VAL C 27 -0.36 7.61 10.17
CA VAL C 27 -1.05 6.32 10.11
C VAL C 27 -0.93 5.59 8.77
N GLN C 28 -0.52 4.33 8.83
CA GLN C 28 -0.38 3.54 7.62
C GLN C 28 -1.73 3.16 7.06
N GLU C 29 -1.92 3.41 5.76
CA GLU C 29 -3.15 3.01 5.12
C GLU C 29 -4.36 3.58 5.86
N PRO C 30 -4.49 4.91 5.88
CA PRO C 30 -5.64 5.50 6.55
C PRO C 30 -6.89 5.18 5.75
N GLU C 31 -8.05 5.29 6.37
CA GLU C 31 -9.33 5.03 5.71
C GLU C 31 -9.56 6.11 4.65
N SER C 32 -10.45 5.85 3.71
CA SER C 32 -10.76 6.82 2.67
C SER C 32 -11.94 7.66 3.19
N ILE C 33 -12.33 8.69 2.45
CA ILE C 33 -13.45 9.52 2.89
C ILE C 33 -14.76 8.72 2.79
N ALA C 34 -14.82 7.81 1.83
CA ALA C 34 -16.00 6.96 1.63
C ALA C 34 -16.13 6.00 2.82
N ASP C 35 -15.00 5.45 3.26
CA ASP C 35 -14.97 4.55 4.42
C ASP C 35 -15.56 5.27 5.62
N HIS C 36 -15.12 6.51 5.82
CA HIS C 36 -15.59 7.32 6.93
C HIS C 36 -17.08 7.62 6.80
N SER C 37 -17.51 7.93 5.57
CA SER C 37 -18.92 8.24 5.31
C SER C 37 -19.83 7.06 5.60
N PHE C 38 -19.40 5.87 5.19
CA PHE C 38 -20.20 4.70 5.46
C PHE C 38 -20.40 4.64 6.98
N GLY C 39 -19.31 4.66 7.74
CA GLY C 39 -19.42 4.62 9.19
C GLY C 39 -20.36 5.65 9.80
N VAL C 40 -20.39 6.86 9.24
CA VAL C 40 -21.26 7.92 9.75
C VAL C 40 -22.70 7.56 9.43
N ALA C 41 -22.89 6.91 8.29
CA ALA C 41 -24.22 6.51 7.86
C ALA C 41 -24.74 5.41 8.79
N PHE C 42 -23.87 4.47 9.13
CA PHE C 42 -24.28 3.37 10.01
C PHE C 42 -24.56 3.83 11.43
N ILE C 43 -23.63 4.58 12.00
CA ILE C 43 -23.80 5.07 13.36
C ILE C 43 -25.04 5.94 13.44
N THR C 44 -25.33 6.66 12.36
CA THR C 44 -26.51 7.52 12.33
C THR C 44 -27.74 6.63 12.38
N LEU C 45 -27.70 5.53 11.64
CA LEU C 45 -28.81 4.59 11.62
C LEU C 45 -29.02 4.04 13.02
N VAL C 46 -27.97 3.46 13.58
CA VAL C 46 -28.02 2.89 14.91
C VAL C 46 -28.47 3.90 15.97
N LEU C 47 -27.88 5.10 15.97
CA LEU C 47 -28.27 6.10 16.97
C LEU C 47 -29.69 6.65 16.89
N ALA C 48 -30.26 6.74 15.68
CA ALA C 48 -31.62 7.23 15.47
C ALA C 48 -32.54 6.20 16.08
N ASP C 49 -32.08 4.95 15.99
CA ASP C 49 -32.79 3.80 16.53
C ASP C 49 -33.01 3.96 18.00
N VAL C 50 -31.91 4.33 18.65
CA VAL C 50 -31.85 4.53 20.09
C VAL C 50 -32.64 5.76 20.51
N LEU C 51 -32.57 6.82 19.71
CA LEU C 51 -33.28 8.03 20.03
C LEU C 51 -34.76 7.76 19.91
N GLU C 52 -35.10 6.91 18.95
CA GLU C 52 -36.48 6.54 18.69
C GLU C 52 -37.13 5.96 19.94
N LYS C 53 -36.51 4.92 20.49
CA LYS C 53 -37.08 4.29 21.67
C LYS C 53 -36.84 5.01 22.99
N ARG C 54 -36.36 6.25 22.93
CA ARG C 54 -36.14 7.05 24.13
C ARG C 54 -37.02 8.29 24.05
N GLY C 55 -37.97 8.28 23.12
CA GLY C 55 -38.91 9.37 22.96
C GLY C 55 -38.49 10.59 22.15
N LYS C 56 -37.29 10.54 21.59
CA LYS C 56 -36.78 11.63 20.77
C LYS C 56 -37.03 11.44 19.28
N ARG C 57 -37.95 12.27 18.79
CA ARG C 57 -38.35 12.30 17.40
C ARG C 57 -37.24 12.68 16.43
N ILE C 58 -37.04 11.82 15.44
CA ILE C 58 -36.05 12.06 14.39
C ILE C 58 -36.57 11.75 12.99
N ASP C 59 -36.31 12.67 12.06
CA ASP C 59 -36.69 12.45 10.68
C ASP C 59 -35.58 11.58 10.12
N VAL C 60 -35.64 10.27 10.38
CA VAL C 60 -34.58 9.36 9.93
C VAL C 60 -34.17 9.49 8.47
N GLU C 61 -35.14 9.68 7.58
CA GLU C 61 -34.85 9.82 6.15
C GLU C 61 -33.89 10.99 5.90
N LYS C 62 -34.23 12.16 6.44
CA LYS C 62 -33.39 13.32 6.26
C LYS C 62 -32.02 13.07 6.87
N ALA C 63 -32.00 12.44 8.04
CA ALA C 63 -30.75 12.16 8.74
C ALA C 63 -29.80 11.30 7.90
N LEU C 64 -30.30 10.18 7.41
CA LEU C 64 -29.49 9.28 6.60
C LEU C 64 -28.99 9.97 5.34
N LYS C 65 -29.84 10.80 4.74
CA LYS C 65 -29.47 11.55 3.53
C LYS C 65 -28.32 12.48 3.87
N MET C 66 -28.50 13.20 4.97
CA MET C 66 -27.53 14.16 5.48
C MET C 66 -26.19 13.48 5.76
N ALA C 67 -26.24 12.28 6.33
CA ALA C 67 -25.03 11.54 6.63
C ALA C 67 -24.29 11.10 5.38
N ILE C 68 -25.05 10.72 4.35
CA ILE C 68 -24.46 10.28 3.09
C ILE C 68 -23.81 11.41 2.29
N VAL C 69 -24.38 12.60 2.41
CA VAL C 69 -23.92 13.77 1.69
C VAL C 69 -23.00 14.73 2.46
N HIS C 70 -22.95 14.61 3.78
CA HIS C 70 -22.18 15.54 4.59
C HIS C 70 -20.76 15.91 4.15
N ASP C 71 -19.97 14.96 3.65
CA ASP C 71 -18.60 15.29 3.19
C ASP C 71 -18.51 15.15 1.68
N LEU C 72 -19.62 15.35 0.99
CA LEU C 72 -19.63 15.18 -0.45
C LEU C 72 -18.75 16.16 -1.21
N ALA C 73 -18.66 17.40 -0.73
CA ALA C 73 -17.85 18.41 -1.39
C ALA C 73 -16.39 18.01 -1.51
N GLU C 74 -15.93 17.17 -0.59
CA GLU C 74 -14.54 16.72 -0.61
C GLU C 74 -14.19 15.88 -1.82
N ALA C 75 -15.21 15.50 -2.59
CA ALA C 75 -15.00 14.71 -3.81
C ALA C 75 -14.24 15.62 -4.75
N ILE C 76 -14.40 16.91 -4.54
CA ILE C 76 -13.71 17.88 -5.35
C ILE C 76 -12.55 18.55 -4.63
N ILE C 77 -12.78 19.06 -3.42
CA ILE C 77 -11.70 19.75 -2.70
C ILE C 77 -10.81 18.95 -1.74
N THR C 78 -11.14 17.68 -1.58
CA THR C 78 -10.43 16.71 -0.74
C THR C 78 -10.61 16.97 0.77
N ASP C 79 -10.11 16.06 1.61
CA ASP C 79 -10.28 16.21 3.05
C ASP C 79 -9.18 17.11 3.59
N ILE C 80 -9.36 18.40 3.39
CA ILE C 80 -8.39 19.37 3.86
C ILE C 80 -8.36 19.27 5.38
N PRO C 81 -7.22 18.83 5.94
CA PRO C 81 -7.08 18.67 7.38
C PRO C 81 -7.32 19.91 8.23
N LEU C 82 -7.70 19.68 9.48
CA LEU C 82 -7.96 20.75 10.42
C LEU C 82 -6.72 21.60 10.61
N SER C 83 -5.56 20.94 10.65
CA SER C 83 -4.29 21.65 10.81
C SER C 83 -4.06 22.66 9.71
N ALA C 84 -4.67 22.44 8.55
CA ALA C 84 -4.53 23.33 7.40
C ALA C 84 -5.60 24.41 7.35
N GLN C 85 -6.68 24.21 8.10
CA GLN C 85 -7.78 25.16 8.09
C GLN C 85 -7.53 26.48 8.79
N GLU C 86 -6.29 26.69 9.20
CA GLU C 86 -5.94 27.93 9.84
C GLU C 86 -5.54 28.88 8.72
N PHE C 87 -5.29 28.31 7.53
CA PHE C 87 -4.81 29.08 6.40
C PHE C 87 -5.78 28.97 5.23
N VAL C 88 -6.65 27.94 5.32
CA VAL C 88 -7.61 27.62 4.28
C VAL C 88 -9.05 27.66 4.79
N ASP C 89 -9.91 28.47 4.14
CA ASP C 89 -11.32 28.43 4.52
C ASP C 89 -12.05 27.26 3.86
N LYS C 90 -12.06 26.08 4.48
CA LYS C 90 -12.69 24.88 3.91
C LYS C 90 -14.21 25.02 3.80
N ASP C 91 -14.81 25.63 4.80
CA ASP C 91 -16.25 25.80 4.79
C ASP C 91 -16.76 26.68 3.66
N LYS C 92 -16.00 27.73 3.36
CA LYS C 92 -16.39 28.59 2.26
C LYS C 92 -16.30 27.78 0.96
N ALA C 93 -15.25 26.96 0.85
CA ALA C 93 -15.05 26.16 -0.36
C ALA C 93 -16.17 25.13 -0.53
N GLU C 94 -16.55 24.48 0.56
CA GLU C 94 -17.62 23.47 0.54
C GLU C 94 -18.95 24.05 0.08
N ALA C 95 -19.34 25.19 0.65
CA ALA C 95 -20.59 25.80 0.27
C ALA C 95 -20.61 26.05 -1.23
N LEU C 96 -19.47 26.48 -1.77
CA LEU C 96 -19.38 26.78 -3.20
C LEU C 96 -19.62 25.53 -4.06
N VAL C 97 -18.89 24.45 -3.71
CA VAL C 97 -19.05 23.19 -4.44
C VAL C 97 -20.49 22.71 -4.42
N PHE C 98 -21.11 22.83 -3.24
CA PHE C 98 -22.49 22.43 -3.09
C PHE C 98 -23.42 23.30 -3.94
N LYS C 99 -23.20 24.61 -3.92
CA LYS C 99 -24.05 25.54 -4.67
C LYS C 99 -23.92 25.33 -6.16
N LYS C 100 -22.70 25.05 -6.62
CA LYS C 100 -22.46 24.86 -8.04
C LYS C 100 -22.57 23.44 -8.54
N VAL C 101 -21.92 22.50 -7.86
CA VAL C 101 -21.92 21.11 -8.32
C VAL C 101 -23.02 20.19 -7.72
N PHE C 102 -23.49 20.46 -6.49
CA PHE C 102 -24.51 19.61 -5.85
C PHE C 102 -25.67 20.47 -5.33
N PRO C 103 -26.23 21.33 -6.20
CA PRO C 103 -27.32 22.21 -5.79
C PRO C 103 -28.50 21.46 -5.16
N GLU C 104 -28.69 20.21 -5.57
CA GLU C 104 -29.79 19.41 -5.05
C GLU C 104 -29.54 18.98 -3.61
N PHE C 105 -28.31 19.11 -3.14
CA PHE C 105 -27.97 18.72 -1.78
C PHE C 105 -27.61 19.93 -0.92
N TYR C 106 -27.64 21.12 -1.52
CA TYR C 106 -27.28 22.32 -0.80
C TYR C 106 -28.04 22.50 0.52
N GLU C 107 -29.36 22.31 0.51
CA GLU C 107 -30.12 22.51 1.75
C GLU C 107 -29.76 21.50 2.84
N LEU C 108 -29.49 20.27 2.44
CA LEU C 108 -29.10 19.26 3.41
C LEU C 108 -27.80 19.71 4.07
N TYR C 109 -26.86 20.16 3.23
CA TYR C 109 -25.55 20.65 3.67
C TYR C 109 -25.72 21.86 4.57
N ARG C 110 -26.54 22.80 4.10
CA ARG C 110 -26.78 24.03 4.84
C ARG C 110 -27.30 23.74 6.23
N GLU C 111 -28.27 22.83 6.35
CA GLU C 111 -28.83 22.48 7.66
C GLU C 111 -27.82 21.75 8.54
N TYR C 112 -26.98 20.93 7.91
CA TYR C 112 -25.96 20.19 8.63
C TYR C 112 -24.92 21.13 9.27
N GLN C 113 -24.55 22.17 8.53
CA GLN C 113 -23.57 23.14 9.02
C GLN C 113 -24.09 23.94 10.20
N GLU C 114 -25.38 24.26 10.20
CA GLU C 114 -26.00 25.02 11.28
C GLU C 114 -26.03 24.27 12.60
N CYS C 115 -26.02 22.95 12.51
CA CYS C 115 -26.04 22.11 13.69
C CYS C 115 -27.05 22.53 14.76
N SER C 116 -28.30 22.75 14.33
CA SER C 116 -29.37 23.14 15.24
C SER C 116 -30.40 22.03 15.34
N SER C 117 -30.95 21.64 14.20
CA SER C 117 -31.98 20.58 14.13
C SER C 117 -31.48 19.25 14.68
N PRO C 118 -32.42 18.41 15.15
CA PRO C 118 -32.06 17.09 15.70
C PRO C 118 -31.27 16.27 14.68
N GLU C 119 -31.73 16.25 13.44
CA GLU C 119 -31.05 15.48 12.41
C GLU C 119 -29.61 15.94 12.23
N ALA C 120 -29.43 17.25 12.10
CA ALA C 120 -28.12 17.84 11.93
C ALA C 120 -27.14 17.42 13.04
N GLN C 121 -27.54 17.59 14.30
CA GLN C 121 -26.70 17.21 15.43
C GLN C 121 -26.44 15.71 15.52
N LEU C 122 -27.39 14.90 15.03
CA LEU C 122 -27.20 13.47 15.06
C LEU C 122 -26.05 13.10 14.12
N VAL C 123 -26.11 13.59 12.89
CA VAL C 123 -25.06 13.32 11.91
C VAL C 123 -23.73 13.86 12.41
N ARG C 124 -23.77 15.03 13.05
CA ARG C 124 -22.55 15.63 13.61
C ARG C 124 -21.99 14.69 14.68
N ILE C 125 -22.88 14.11 15.49
CA ILE C 125 -22.44 13.20 16.53
C ILE C 125 -21.89 11.92 15.93
N ALA C 126 -22.53 11.43 14.86
CA ALA C 126 -22.08 10.21 14.20
C ALA C 126 -20.70 10.45 13.57
N ASP C 127 -20.56 11.62 12.98
CA ASP C 127 -19.31 11.99 12.37
C ASP C 127 -18.17 11.91 13.35
N LYS C 128 -18.35 12.50 14.53
CA LYS C 128 -17.31 12.49 15.54
C LYS C 128 -17.06 11.11 16.14
N LEU C 129 -18.14 10.35 16.37
CA LEU C 129 -18.00 9.00 16.94
C LEU C 129 -17.21 8.08 16.02
N ASP C 130 -17.49 8.13 14.72
CA ASP C 130 -16.76 7.30 13.76
C ASP C 130 -15.27 7.59 13.89
N MET C 131 -14.96 8.90 13.90
CA MET C 131 -13.59 9.34 14.04
C MET C 131 -12.94 8.86 15.32
N ILE C 132 -13.60 9.12 16.45
CA ILE C 132 -13.09 8.69 17.73
C ILE C 132 -12.83 7.19 17.73
N LEU C 133 -13.85 6.43 17.35
CA LEU C 133 -13.71 4.97 17.32
C LEU C 133 -12.62 4.55 16.32
N GLN C 134 -12.41 5.37 15.29
CA GLN C 134 -11.38 5.08 14.29
C GLN C 134 -10.02 5.33 14.92
N ALA C 135 -9.91 6.40 15.71
CA ALA C 135 -8.65 6.69 16.38
C ALA C 135 -8.36 5.53 17.34
N TYR C 136 -9.42 5.06 17.99
CA TYR C 136 -9.29 3.92 18.91
C TYR C 136 -8.62 2.75 18.20
N GLN C 137 -9.16 2.38 17.03
CA GLN C 137 -8.62 1.27 16.25
C GLN C 137 -7.18 1.47 15.82
N TYR C 138 -6.82 2.68 15.39
CA TYR C 138 -5.46 2.92 14.96
C TYR C 138 -4.47 2.84 16.13
N GLU C 139 -4.92 3.22 17.33
CA GLU C 139 -4.03 3.13 18.49
C GLU C 139 -3.76 1.64 18.75
N LEU C 140 -4.75 0.78 18.58
CA LEU C 140 -4.54 -0.64 18.78
C LEU C 140 -3.57 -1.16 17.74
N SER C 141 -3.49 -0.45 16.62
CA SER C 141 -2.57 -0.85 15.57
C SER C 141 -1.16 -0.42 15.92
N GLY C 142 -1.04 0.51 16.87
CA GLY C 142 0.28 0.94 17.28
C GLY C 142 0.55 2.43 17.22
N ASN C 143 -0.34 3.20 16.63
CA ASN C 143 -0.08 4.62 16.54
C ASN C 143 -0.29 5.30 17.90
N LYS C 144 0.71 6.05 18.37
CA LYS C 144 0.58 6.71 19.67
C LYS C 144 0.40 8.23 19.70
N ASN C 145 0.06 8.84 18.57
CA ASN C 145 -0.14 10.29 18.59
C ASN C 145 -1.51 10.73 18.09
N LEU C 146 -2.53 9.98 18.48
CA LEU C 146 -3.90 10.28 18.09
C LEU C 146 -4.68 10.82 19.29
N ASP C 147 -3.95 11.09 20.37
CA ASP C 147 -4.50 11.58 21.62
C ASP C 147 -5.54 12.71 21.50
N GLU C 148 -5.21 13.76 20.76
CA GLU C 148 -6.13 14.88 20.59
C GLU C 148 -7.53 14.43 20.14
N PHE C 149 -7.59 13.52 19.19
CA PHE C 149 -8.85 13.02 18.67
C PHE C 149 -9.90 12.70 19.73
N TRP C 150 -9.46 12.30 20.92
CA TRP C 150 -10.41 11.97 21.98
C TRP C 150 -11.10 13.15 22.65
N GLU C 151 -10.74 14.37 22.27
CA GLU C 151 -11.41 15.50 22.89
C GLU C 151 -12.63 15.89 22.07
N ALA C 152 -13.00 15.00 21.16
CA ALA C 152 -14.18 15.19 20.34
C ALA C 152 -15.40 14.77 21.18
N ILE C 153 -15.15 14.06 22.28
CA ILE C 153 -16.21 13.61 23.17
C ILE C 153 -16.82 14.85 23.81
N GLU C 154 -15.94 15.79 24.16
CA GLU C 154 -16.35 17.06 24.78
C GLU C 154 -17.13 17.92 23.81
N GLU C 155 -16.74 17.88 22.54
CA GLU C 155 -17.41 18.65 21.50
C GLU C 155 -18.82 18.10 21.32
N ILE C 156 -18.96 16.77 21.45
CA ILE C 156 -20.27 16.15 21.31
C ILE C 156 -21.15 16.57 22.47
N LYS C 157 -20.59 16.56 23.68
CA LYS C 157 -21.33 16.93 24.88
C LYS C 157 -21.95 18.33 24.85
N ARG C 158 -21.39 19.21 24.01
CA ARG C 158 -21.90 20.59 23.90
C ARG C 158 -23.11 20.65 23.00
N LEU C 159 -23.54 19.52 22.49
CA LEU C 159 -24.72 19.49 21.64
C LEU C 159 -25.90 18.99 22.45
N GLU C 160 -27.02 19.71 22.38
CA GLU C 160 -28.21 19.31 23.11
C GLU C 160 -28.57 17.83 22.96
N LEU C 161 -28.67 17.37 21.72
CA LEU C 161 -29.04 15.99 21.43
C LEU C 161 -28.25 14.93 22.22
N SER C 162 -26.99 15.21 22.53
CA SER C 162 -26.18 14.24 23.26
C SER C 162 -26.81 13.89 24.62
N LYS C 163 -27.68 14.76 25.13
CA LYS C 163 -28.35 14.53 26.41
C LYS C 163 -29.08 13.18 26.41
N TYR C 164 -29.49 12.73 25.23
CA TYR C 164 -30.20 11.45 25.08
C TYR C 164 -29.25 10.28 24.83
N LEU C 165 -27.96 10.58 24.71
CA LEU C 165 -26.95 9.56 24.47
C LEU C 165 -25.79 9.50 25.49
N GLU C 166 -25.89 10.25 26.59
CA GLU C 166 -24.83 10.32 27.57
C GLU C 166 -24.16 9.03 27.90
N ASP C 167 -25.02 8.05 28.08
CA ASP C 167 -24.57 6.75 28.47
C ASP C 167 -23.62 6.16 27.48
N ILE C 168 -23.95 6.33 26.20
CA ILE C 168 -23.14 5.81 25.12
C ILE C 168 -21.81 6.55 25.01
N LEU C 169 -21.84 7.87 25.22
CA LEU C 169 -20.63 8.69 25.15
C LEU C 169 -19.59 8.34 26.19
N ASN C 170 -20.07 7.85 27.33
CA ASN C 170 -19.22 7.45 28.44
C ASN C 170 -18.61 6.08 28.21
N SER C 171 -19.35 5.20 27.55
CA SER C 171 -18.82 3.87 27.21
C SER C 171 -17.64 4.15 26.28
N VAL C 172 -17.87 5.01 25.30
CA VAL C 172 -16.85 5.39 24.33
C VAL C 172 -15.63 5.97 25.01
N GLY C 173 -15.84 6.93 25.91
CA GLY C 173 -14.73 7.53 26.61
C GLY C 173 -13.97 6.50 27.42
N ARG C 174 -14.66 5.46 27.87
CA ARG C 174 -14.02 4.45 28.68
C ARG C 174 -13.12 3.53 27.87
N LEU C 175 -13.20 3.64 26.55
CA LEU C 175 -12.38 2.84 25.66
C LEU C 175 -10.95 3.35 25.67
N LYS C 176 -10.79 4.64 25.95
CA LYS C 176 -9.47 5.26 25.99
C LYS C 176 -8.60 4.71 27.09
N MET D 4 -24.81 0.33 20.44
CA MET D 4 -23.70 -0.15 21.30
C MET D 4 -22.36 -0.07 20.57
N ILE D 5 -21.31 0.24 21.32
CA ILE D 5 -19.97 0.38 20.79
C ILE D 5 -19.41 -0.87 20.13
N GLU D 6 -19.63 -2.03 20.73
CA GLU D 6 -19.13 -3.29 20.18
C GLU D 6 -19.63 -3.57 18.77
N LYS D 7 -20.91 -3.30 18.54
CA LYS D 7 -21.53 -3.50 17.23
C LYS D 7 -20.87 -2.59 16.20
N ILE D 8 -20.80 -1.30 16.51
CA ILE D 8 -20.17 -0.31 15.63
C ILE D 8 -18.74 -0.68 15.31
N LEU D 9 -17.98 -1.06 16.33
CA LEU D 9 -16.61 -1.46 16.09
C LEU D 9 -16.53 -2.63 15.14
N LEU D 10 -17.56 -3.50 15.24
CA LEU D 10 -17.58 -4.67 14.37
C LEU D 10 -17.82 -4.26 12.91
N VAL D 11 -18.86 -3.43 12.72
CA VAL D 11 -19.23 -3.00 11.38
C VAL D 11 -18.11 -2.18 10.72
N GLN D 12 -17.33 -1.49 11.56
CA GLN D 12 -16.21 -0.71 11.03
C GLN D 12 -15.12 -1.60 10.44
N THR D 13 -15.23 -2.92 10.72
CA THR D 13 -14.25 -3.83 10.12
C THR D 13 -14.34 -3.78 8.60
N LEU D 14 -15.50 -3.37 8.11
CA LEU D 14 -15.71 -3.27 6.66
C LEU D 14 -14.74 -2.30 5.99
N LYS D 15 -14.28 -1.30 6.74
CA LYS D 15 -13.30 -0.34 6.22
C LYS D 15 -11.98 -1.05 5.87
N ARG D 16 -11.75 -2.15 6.62
CA ARG D 16 -10.47 -2.84 6.54
C ARG D 16 -10.48 -4.00 5.53
N LEU D 17 -11.70 -4.51 5.24
CA LEU D 17 -11.75 -5.66 4.35
C LEU D 17 -11.89 -5.24 2.88
N PRO D 18 -11.14 -5.98 2.04
CA PRO D 18 -11.13 -5.78 0.61
C PRO D 18 -12.38 -6.37 -0.03
N ARG D 19 -12.78 -5.76 -1.16
CA ARG D 19 -13.71 -6.43 -2.06
C ARG D 19 -12.93 -7.42 -2.94
N MET D 20 -13.07 -8.72 -2.58
CA MET D 20 -12.16 -9.77 -3.07
C MET D 20 -12.16 -9.95 -4.60
N GLY D 21 -13.22 -9.59 -5.32
CA GLY D 21 -13.22 -9.78 -6.77
C GLY D 21 -12.07 -9.02 -7.44
N TRP D 22 -11.90 -7.77 -7.03
CA TRP D 22 -10.85 -6.95 -7.59
C TRP D 22 -9.49 -7.59 -7.33
N LEU D 23 -9.24 -8.04 -6.10
CA LEU D 23 -7.96 -8.65 -5.79
C LEU D 23 -7.67 -9.84 -6.71
N ILE D 24 -8.61 -10.76 -6.79
CA ILE D 24 -8.41 -11.92 -7.63
C ILE D 24 -8.08 -11.50 -9.07
N LYS D 25 -8.70 -10.44 -9.55
CA LYS D 25 -8.44 -9.96 -10.89
C LYS D 25 -7.13 -9.20 -11.03
N GLY D 26 -6.40 -9.01 -9.92
CA GLY D 26 -5.13 -8.33 -9.98
C GLY D 26 -5.16 -6.82 -9.74
N VAL D 27 -6.26 -6.29 -9.23
CA VAL D 27 -6.25 -4.86 -8.99
C VAL D 27 -5.39 -4.49 -7.77
N GLN D 28 -4.58 -3.43 -7.95
CA GLN D 28 -3.62 -3.05 -6.91
C GLN D 28 -4.31 -2.84 -5.56
N GLU D 29 -4.82 -1.63 -5.34
CA GLU D 29 -5.43 -1.27 -4.08
C GLU D 29 -6.94 -1.24 -4.24
N PRO D 30 -7.59 -2.40 -4.05
CA PRO D 30 -9.04 -2.46 -4.20
C PRO D 30 -9.80 -1.76 -3.09
N GLU D 31 -10.99 -1.29 -3.43
CA GLU D 31 -11.87 -0.62 -2.49
C GLU D 31 -12.18 -1.60 -1.38
N SER D 32 -12.61 -1.07 -0.24
CA SER D 32 -13.00 -1.90 0.89
C SER D 32 -14.51 -2.14 0.75
N ILE D 33 -15.06 -3.01 1.59
CA ILE D 33 -16.49 -3.26 1.51
C ILE D 33 -17.24 -2.02 1.92
N ALA D 34 -16.64 -1.21 2.80
CA ALA D 34 -17.27 0.03 3.24
C ALA D 34 -17.26 1.07 2.12
N ASP D 35 -16.20 1.09 1.30
CA ASP D 35 -16.13 2.03 0.17
C ASP D 35 -17.32 1.73 -0.73
N HIS D 36 -17.45 0.45 -1.03
CA HIS D 36 -18.51 -0.05 -1.87
C HIS D 36 -19.89 0.31 -1.33
N SER D 37 -20.11 0.05 -0.05
CA SER D 37 -21.39 0.34 0.59
C SER D 37 -21.76 1.80 0.48
N PHE D 38 -20.77 2.67 0.66
CA PHE D 38 -21.11 4.07 0.59
C PHE D 38 -21.59 4.41 -0.81
N GLY D 39 -20.95 3.85 -1.83
CA GLY D 39 -21.35 4.07 -3.20
C GLY D 39 -22.78 3.60 -3.43
N VAL D 40 -23.07 2.38 -2.95
CA VAL D 40 -24.41 1.81 -3.07
C VAL D 40 -25.41 2.75 -2.42
N ALA D 41 -25.08 3.23 -1.22
CA ALA D 41 -25.95 4.15 -0.52
C ALA D 41 -26.19 5.43 -1.32
N PHE D 42 -25.14 5.95 -1.95
CA PHE D 42 -25.26 7.20 -2.72
C PHE D 42 -26.04 7.00 -4.00
N ILE D 43 -25.73 5.95 -4.74
CA ILE D 43 -26.44 5.70 -5.98
C ILE D 43 -27.92 5.46 -5.69
N THR D 44 -28.18 4.75 -4.60
CA THR D 44 -29.55 4.48 -4.17
C THR D 44 -30.27 5.80 -3.87
N LEU D 45 -29.58 6.74 -3.24
CA LEU D 45 -30.19 8.04 -2.94
C LEU D 45 -30.52 8.76 -4.25
N VAL D 46 -29.54 8.81 -5.15
CA VAL D 46 -29.70 9.47 -6.44
C VAL D 46 -30.78 8.82 -7.30
N LEU D 47 -30.77 7.49 -7.38
CA LEU D 47 -31.78 6.78 -8.16
C LEU D 47 -33.19 6.94 -7.60
N ALA D 48 -33.28 7.06 -6.28
CA ALA D 48 -34.58 7.22 -5.63
C ALA D 48 -35.26 8.53 -6.03
N ASP D 49 -34.47 9.58 -6.20
CA ASP D 49 -34.99 10.89 -6.60
C ASP D 49 -35.47 10.79 -8.05
N VAL D 50 -34.67 10.13 -8.89
CA VAL D 50 -35.03 9.96 -10.29
C VAL D 50 -36.36 9.21 -10.38
N LEU D 51 -36.46 8.11 -9.64
CA LEU D 51 -37.69 7.34 -9.62
C LEU D 51 -38.85 8.18 -9.10
N GLU D 52 -38.56 9.00 -8.09
CA GLU D 52 -39.54 9.89 -7.48
C GLU D 52 -40.22 10.77 -8.51
N LYS D 53 -39.42 11.51 -9.28
CA LYS D 53 -39.96 12.42 -10.29
C LYS D 53 -40.37 11.75 -11.59
N ARG D 54 -40.42 10.43 -11.59
CA ARG D 54 -40.83 9.68 -12.77
C ARG D 54 -42.08 8.89 -12.47
N GLY D 55 -42.75 9.25 -11.36
CA GLY D 55 -43.97 8.58 -10.99
C GLY D 55 -43.86 7.33 -10.15
N LYS D 56 -42.65 6.78 -10.02
CA LYS D 56 -42.47 5.56 -9.22
C LYS D 56 -42.15 5.89 -7.76
N ARG D 57 -43.13 5.68 -6.89
CA ARG D 57 -42.92 5.97 -5.48
C ARG D 57 -42.06 4.90 -4.85
N ILE D 58 -41.14 5.34 -4.00
CA ILE D 58 -40.19 4.46 -3.31
C ILE D 58 -40.18 4.81 -1.83
N ASP D 59 -40.03 3.79 -0.98
CA ASP D 59 -39.93 4.07 0.45
C ASP D 59 -38.43 4.31 0.62
N VAL D 60 -38.02 5.57 0.43
CA VAL D 60 -36.61 5.94 0.52
C VAL D 60 -35.93 5.56 1.84
N GLU D 61 -36.58 5.83 2.97
CA GLU D 61 -35.99 5.49 4.25
C GLU D 61 -35.60 4.00 4.28
N LYS D 62 -36.52 3.11 3.93
CA LYS D 62 -36.21 1.70 3.93
C LYS D 62 -35.08 1.41 2.92
N ALA D 63 -35.14 2.08 1.77
CA ALA D 63 -34.14 1.87 0.72
C ALA D 63 -32.73 2.23 1.18
N LEU D 64 -32.61 3.35 1.89
CA LEU D 64 -31.32 3.77 2.38
C LEU D 64 -30.82 2.82 3.47
N LYS D 65 -31.70 2.44 4.38
CA LYS D 65 -31.28 1.50 5.43
C LYS D 65 -30.80 0.20 4.79
N MET D 66 -31.58 -0.28 3.81
CA MET D 66 -31.25 -1.52 3.10
C MET D 66 -29.88 -1.43 2.44
N ALA D 67 -29.59 -0.30 1.81
CA ALA D 67 -28.29 -0.11 1.16
C ALA D 67 -27.14 -0.11 2.18
N ILE D 68 -27.36 0.55 3.30
CA ILE D 68 -26.37 0.62 4.36
C ILE D 68 -26.08 -0.74 4.98
N VAL D 69 -27.12 -1.53 5.14
CA VAL D 69 -27.03 -2.83 5.77
C VAL D 69 -26.82 -4.04 4.84
N HIS D 70 -27.10 -3.89 3.55
CA HIS D 70 -26.99 -5.01 2.65
C HIS D 70 -25.75 -5.92 2.72
N ASP D 71 -24.53 -5.40 2.95
CA ASP D 71 -23.38 -6.33 3.04
C ASP D 71 -22.85 -6.50 4.44
N LEU D 72 -23.62 -6.04 5.41
CA LEU D 72 -23.23 -6.08 6.81
C LEU D 72 -22.71 -7.41 7.35
N ALA D 73 -23.21 -8.53 6.84
CA ALA D 73 -22.74 -9.82 7.31
C ALA D 73 -21.27 -10.08 6.99
N GLU D 74 -20.74 -9.39 5.97
CA GLU D 74 -19.35 -9.57 5.59
C GLU D 74 -18.37 -9.01 6.64
N ALA D 75 -18.90 -8.24 7.58
CA ALA D 75 -18.07 -7.68 8.65
C ALA D 75 -17.44 -8.87 9.39
N ILE D 76 -18.14 -9.99 9.32
CA ILE D 76 -17.70 -11.22 9.95
C ILE D 76 -17.26 -12.28 8.94
N ILE D 77 -18.03 -12.51 7.87
CA ILE D 77 -17.64 -13.57 6.91
C ILE D 77 -16.69 -13.17 5.81
N THR D 78 -16.51 -11.86 5.62
CA THR D 78 -15.69 -11.25 4.58
C THR D 78 -16.33 -11.41 3.21
N ASP D 79 -15.91 -10.59 2.26
CA ASP D 79 -16.50 -10.59 0.93
C ASP D 79 -16.03 -11.77 0.11
N ILE D 80 -16.57 -12.94 0.44
CA ILE D 80 -16.24 -14.18 -0.25
C ILE D 80 -16.57 -13.96 -1.72
N PRO D 81 -15.58 -14.11 -2.59
CA PRO D 81 -15.79 -13.91 -4.02
C PRO D 81 -16.74 -14.88 -4.70
N LEU D 82 -17.30 -14.42 -5.82
CA LEU D 82 -18.22 -15.23 -6.61
C LEU D 82 -17.52 -16.50 -7.07
N SER D 83 -16.28 -16.37 -7.51
CA SER D 83 -15.52 -17.53 -7.95
C SER D 83 -15.46 -18.61 -6.89
N ALA D 84 -15.55 -18.21 -5.62
CA ALA D 84 -15.46 -19.15 -4.50
C ALA D 84 -16.79 -19.75 -4.09
N GLN D 85 -17.87 -19.04 -4.41
CA GLN D 85 -19.21 -19.46 -4.05
C GLN D 85 -19.70 -20.77 -4.67
N GLU D 86 -18.88 -21.37 -5.53
CA GLU D 86 -19.24 -22.63 -6.13
C GLU D 86 -18.95 -23.73 -5.11
N PHE D 87 -18.25 -23.36 -4.03
CA PHE D 87 -17.84 -24.31 -2.99
C PHE D 87 -18.24 -23.94 -1.58
N VAL D 88 -18.76 -22.73 -1.41
CA VAL D 88 -19.18 -22.22 -0.11
C VAL D 88 -20.51 -21.50 -0.29
N ASP D 89 -21.48 -21.82 0.57
CA ASP D 89 -22.78 -21.18 0.46
C ASP D 89 -22.75 -19.85 1.23
N LYS D 90 -22.38 -18.77 0.54
CA LYS D 90 -22.31 -17.47 1.18
C LYS D 90 -23.68 -17.07 1.72
N ASP D 91 -24.71 -17.26 0.91
CA ASP D 91 -26.08 -16.92 1.27
C ASP D 91 -26.52 -17.52 2.62
N LYS D 92 -26.27 -18.80 2.82
CA LYS D 92 -26.63 -19.45 4.08
C LYS D 92 -25.83 -18.80 5.21
N ALA D 93 -24.56 -18.51 4.96
CA ALA D 93 -23.72 -17.90 5.98
C ALA D 93 -24.27 -16.54 6.37
N GLU D 94 -24.61 -15.73 5.37
CA GLU D 94 -25.13 -14.39 5.63
C GLU D 94 -26.39 -14.35 6.49
N ALA D 95 -27.35 -15.23 6.18
CA ALA D 95 -28.59 -15.30 6.93
C ALA D 95 -28.31 -15.60 8.39
N LEU D 96 -27.42 -16.56 8.63
CA LEU D 96 -27.06 -16.96 9.98
C LEU D 96 -26.48 -15.79 10.75
N VAL D 97 -25.49 -15.13 10.15
CA VAL D 97 -24.88 -14.00 10.82
C VAL D 97 -25.93 -12.95 11.15
N PHE D 98 -26.88 -12.76 10.23
CA PHE D 98 -27.93 -11.77 10.44
C PHE D 98 -28.91 -12.16 11.54
N LYS D 99 -29.25 -13.45 11.68
CA LYS D 99 -30.21 -13.81 12.73
C LYS D 99 -29.51 -13.87 14.06
N LYS D 100 -28.23 -14.24 14.09
CA LYS D 100 -27.60 -14.29 15.40
C LYS D 100 -27.03 -12.94 15.82
N VAL D 101 -26.31 -12.30 14.88
CA VAL D 101 -25.55 -11.11 15.25
C VAL D 101 -26.26 -9.79 14.92
N PHE D 102 -27.06 -9.80 13.84
CA PHE D 102 -27.77 -8.59 13.40
C PHE D 102 -29.29 -8.81 13.36
N PRO D 103 -29.89 -9.45 14.38
CA PRO D 103 -31.33 -9.72 14.35
C PRO D 103 -32.20 -8.52 14.06
N GLU D 104 -31.71 -7.33 14.39
CA GLU D 104 -32.48 -6.10 14.15
C GLU D 104 -32.47 -5.70 12.69
N PHE D 105 -31.61 -6.31 11.90
CA PHE D 105 -31.54 -5.98 10.47
C PHE D 105 -31.94 -7.16 9.59
N TYR D 106 -32.34 -8.26 10.22
CA TYR D 106 -32.73 -9.46 9.47
C TYR D 106 -33.85 -9.22 8.47
N GLU D 107 -34.85 -8.43 8.85
CA GLU D 107 -35.97 -8.16 7.95
C GLU D 107 -35.49 -7.43 6.71
N LEU D 108 -34.67 -6.39 6.90
CA LEU D 108 -34.13 -5.64 5.78
C LEU D 108 -33.33 -6.56 4.88
N TYR D 109 -32.53 -7.44 5.48
CA TYR D 109 -31.71 -8.40 4.72
C TYR D 109 -32.56 -9.40 3.94
N ARG D 110 -33.54 -9.97 4.63
CA ARG D 110 -34.45 -10.95 4.07
C ARG D 110 -35.19 -10.36 2.86
N GLU D 111 -35.72 -9.14 3.00
CA GLU D 111 -36.42 -8.50 1.90
C GLU D 111 -35.46 -8.22 0.74
N TYR D 112 -34.24 -7.79 1.07
CA TYR D 112 -33.24 -7.49 0.07
C TYR D 112 -32.90 -8.71 -0.78
N GLN D 113 -32.79 -9.87 -0.15
CA GLN D 113 -32.46 -11.08 -0.89
C GLN D 113 -33.57 -11.50 -1.84
N GLU D 114 -34.81 -11.20 -1.48
CA GLU D 114 -35.97 -11.56 -2.31
C GLU D 114 -36.04 -10.78 -3.61
N CYS D 115 -35.49 -9.58 -3.61
CA CYS D 115 -35.46 -8.78 -4.80
C CYS D 115 -36.84 -8.73 -5.49
N SER D 116 -37.87 -8.36 -4.74
CA SER D 116 -39.23 -8.26 -5.27
C SER D 116 -39.76 -6.85 -5.14
N SER D 117 -39.64 -6.30 -3.94
CA SER D 117 -40.13 -4.95 -3.68
C SER D 117 -39.33 -3.89 -4.41
N PRO D 118 -39.93 -2.71 -4.62
CA PRO D 118 -39.24 -1.63 -5.32
C PRO D 118 -37.90 -1.32 -4.64
N GLU D 119 -37.93 -1.13 -3.33
CA GLU D 119 -36.73 -0.84 -2.54
C GLU D 119 -35.65 -1.90 -2.67
N ALA D 120 -36.06 -3.17 -2.65
CA ALA D 120 -35.08 -4.25 -2.75
C ALA D 120 -34.39 -4.26 -4.11
N GLN D 121 -35.15 -3.96 -5.16
CA GLN D 121 -34.60 -3.94 -6.52
C GLN D 121 -33.73 -2.71 -6.75
N LEU D 122 -34.11 -1.61 -6.11
CA LEU D 122 -33.36 -0.37 -6.20
C LEU D 122 -31.96 -0.64 -5.65
N VAL D 123 -31.90 -1.09 -4.41
CA VAL D 123 -30.61 -1.36 -3.77
C VAL D 123 -29.78 -2.38 -4.57
N ARG D 124 -30.44 -3.38 -5.17
CA ARG D 124 -29.72 -4.38 -5.97
C ARG D 124 -29.15 -3.70 -7.21
N ILE D 125 -29.91 -2.73 -7.74
CA ILE D 125 -29.48 -2.01 -8.93
C ILE D 125 -28.33 -1.07 -8.57
N ALA D 126 -28.38 -0.50 -7.37
CA ALA D 126 -27.33 0.40 -6.91
C ALA D 126 -26.06 -0.41 -6.67
N ASP D 127 -26.26 -1.59 -6.11
CA ASP D 127 -25.16 -2.49 -5.83
C ASP D 127 -24.36 -2.80 -7.07
N LYS D 128 -25.07 -3.10 -8.15
CA LYS D 128 -24.42 -3.44 -9.42
C LYS D 128 -23.86 -2.25 -10.19
N LEU D 129 -24.52 -1.10 -10.12
CA LEU D 129 -24.02 0.08 -10.83
C LEU D 129 -22.71 0.50 -10.21
N ASP D 130 -22.64 0.50 -8.88
CA ASP D 130 -21.42 0.87 -8.19
C ASP D 130 -20.28 0.00 -8.70
N MET D 131 -20.55 -1.30 -8.76
CA MET D 131 -19.55 -2.27 -9.21
C MET D 131 -19.13 -2.05 -10.65
N ILE D 132 -20.12 -1.88 -11.52
CA ILE D 132 -19.82 -1.65 -12.92
C ILE D 132 -18.97 -0.37 -13.02
N LEU D 133 -19.44 0.72 -12.43
CA LEU D 133 -18.69 1.97 -12.48
C LEU D 133 -17.31 1.86 -11.85
N GLN D 134 -17.18 0.99 -10.85
CA GLN D 134 -15.91 0.79 -10.19
C GLN D 134 -14.98 0.03 -11.12
N ALA D 135 -15.54 -0.94 -11.83
CA ALA D 135 -14.74 -1.71 -12.78
C ALA D 135 -14.26 -0.73 -13.83
N TYR D 136 -15.15 0.15 -14.26
CA TYR D 136 -14.84 1.16 -15.27
C TYR D 136 -13.59 1.94 -14.84
N GLN D 137 -13.60 2.41 -13.60
CA GLN D 137 -12.50 3.20 -13.05
C GLN D 137 -11.20 2.43 -13.03
N TYR D 138 -11.25 1.17 -12.61
CA TYR D 138 -10.03 0.37 -12.57
C TYR D 138 -9.48 0.08 -13.95
N GLU D 139 -10.35 0.12 -14.97
CA GLU D 139 -9.90 -0.14 -16.33
C GLU D 139 -9.14 1.09 -16.83
N LEU D 140 -9.54 2.25 -16.33
CA LEU D 140 -8.87 3.50 -16.68
C LEU D 140 -7.49 3.54 -16.01
N SER D 141 -7.32 2.73 -14.96
CA SER D 141 -6.04 2.65 -14.24
C SER D 141 -5.13 1.66 -14.92
N GLY D 142 -5.69 0.91 -15.87
CA GLY D 142 -4.89 -0.06 -16.59
C GLY D 142 -5.30 -1.51 -16.51
N ASN D 143 -6.18 -1.87 -15.59
CA ASN D 143 -6.55 -3.29 -15.51
C ASN D 143 -7.37 -3.68 -16.74
N LYS D 144 -6.99 -4.76 -17.39
CA LYS D 144 -7.67 -5.19 -18.61
C LYS D 144 -8.40 -6.54 -18.55
N ASN D 145 -8.65 -7.07 -17.36
CA ASN D 145 -9.39 -8.33 -17.23
C ASN D 145 -10.60 -8.20 -16.33
N LEU D 146 -11.31 -7.09 -16.49
CA LEU D 146 -12.52 -6.83 -15.70
C LEU D 146 -13.73 -6.85 -16.61
N ASP D 147 -13.56 -7.34 -17.82
CA ASP D 147 -14.67 -7.37 -18.78
C ASP D 147 -15.94 -8.02 -18.33
N GLU D 148 -15.79 -9.13 -17.62
CA GLU D 148 -16.96 -9.85 -17.16
C GLU D 148 -17.92 -8.93 -16.38
N PHE D 149 -17.38 -8.13 -15.46
CA PHE D 149 -18.17 -7.21 -14.64
C PHE D 149 -19.20 -6.40 -15.41
N TRP D 150 -18.99 -6.23 -16.70
CA TRP D 150 -19.93 -5.44 -17.49
C TRP D 150 -21.24 -6.14 -17.85
N GLU D 151 -21.28 -7.46 -17.70
CA GLU D 151 -22.51 -8.18 -18.01
C GLU D 151 -23.51 -8.07 -16.86
N ALA D 152 -23.22 -7.18 -15.92
CA ALA D 152 -24.12 -6.97 -14.81
C ALA D 152 -25.22 -6.00 -15.27
N ILE D 153 -25.01 -5.39 -16.43
CA ILE D 153 -26.01 -4.48 -16.98
C ILE D 153 -27.22 -5.34 -17.35
N GLU D 154 -26.94 -6.52 -17.88
CA GLU D 154 -27.98 -7.47 -18.30
C GLU D 154 -28.72 -8.00 -17.06
N GLU D 155 -28.00 -8.19 -15.97
CA GLU D 155 -28.62 -8.66 -14.73
C GLU D 155 -29.59 -7.61 -14.24
N ILE D 156 -29.27 -6.34 -14.47
CA ILE D 156 -30.14 -5.24 -14.04
C ILE D 156 -31.37 -5.13 -14.91
N LYS D 157 -31.21 -5.41 -16.20
CA LYS D 157 -32.30 -5.37 -17.17
C LYS D 157 -33.41 -6.36 -16.77
N ARG D 158 -33.01 -7.45 -16.13
CA ARG D 158 -33.94 -8.49 -15.69
C ARG D 158 -34.78 -8.11 -14.47
N LEU D 159 -34.64 -6.89 -13.99
CA LEU D 159 -35.41 -6.44 -12.84
C LEU D 159 -36.45 -5.45 -13.33
N GLU D 160 -37.68 -5.63 -12.88
CA GLU D 160 -38.76 -4.75 -13.28
C GLU D 160 -38.44 -3.27 -13.17
N LEU D 161 -37.95 -2.88 -11.98
CA LEU D 161 -37.62 -1.48 -11.71
C LEU D 161 -36.74 -0.81 -12.75
N SER D 162 -35.88 -1.57 -13.42
CA SER D 162 -34.99 -0.98 -14.43
C SER D 162 -35.78 -0.30 -15.55
N LYS D 163 -37.00 -0.75 -15.76
CA LYS D 163 -37.88 -0.18 -16.78
C LYS D 163 -37.89 1.35 -16.67
N TYR D 164 -37.82 1.86 -15.44
CA TYR D 164 -37.82 3.30 -15.22
C TYR D 164 -36.45 3.95 -15.34
N LEU D 165 -35.42 3.14 -15.56
CA LEU D 165 -34.04 3.64 -15.66
C LEU D 165 -33.32 3.35 -16.98
N GLU D 166 -34.06 2.97 -18.01
CA GLU D 166 -33.48 2.65 -19.31
C GLU D 166 -32.37 3.59 -19.78
N ASP D 167 -32.70 4.87 -19.86
CA ASP D 167 -31.78 5.91 -20.31
C ASP D 167 -30.44 5.87 -19.54
N ILE D 168 -30.52 5.71 -18.23
CA ILE D 168 -29.35 5.75 -17.37
C ILE D 168 -28.42 4.56 -17.65
N LEU D 169 -29.01 3.34 -17.67
CA LEU D 169 -28.20 2.18 -17.98
C LEU D 169 -27.72 2.16 -19.45
N ASN D 170 -28.30 3.04 -20.27
CA ASN D 170 -27.73 3.16 -21.61
C ASN D 170 -26.39 3.91 -21.58
N SER D 171 -26.44 4.97 -20.78
CA SER D 171 -25.27 5.81 -20.64
C SER D 171 -24.15 4.98 -20.02
N VAL D 172 -24.50 4.11 -19.08
CA VAL D 172 -23.53 3.27 -18.43
C VAL D 172 -22.84 2.30 -19.39
N GLY D 173 -23.64 1.56 -20.15
CA GLY D 173 -23.07 0.62 -21.09
C GLY D 173 -22.27 1.35 -22.16
N ARG D 174 -22.54 2.64 -22.28
CA ARG D 174 -21.87 3.50 -23.25
C ARG D 174 -20.43 3.80 -22.81
N LEU D 175 -20.17 3.69 -21.52
CA LEU D 175 -18.84 3.96 -20.97
C LEU D 175 -17.84 2.88 -21.35
N LYS D 176 -18.33 1.68 -21.61
CA LYS D 176 -17.46 0.57 -21.97
C LYS D 176 -16.84 0.78 -23.35
N MET E 4 15.86 24.16 13.84
CA MET E 4 15.07 23.61 14.99
C MET E 4 14.37 22.32 14.61
N ILE E 5 14.35 21.37 15.53
CA ILE E 5 13.73 20.07 15.33
C ILE E 5 12.24 20.08 14.99
N GLU E 6 11.50 21.05 15.52
CA GLU E 6 10.07 21.15 15.27
C GLU E 6 9.74 21.52 13.82
N LYS E 7 10.59 22.36 13.24
CA LYS E 7 10.43 22.80 11.86
C LYS E 7 10.71 21.62 10.93
N ILE E 8 11.84 20.95 11.15
CA ILE E 8 12.22 19.81 10.33
C ILE E 8 11.16 18.70 10.38
N LEU E 9 10.70 18.37 11.57
CA LEU E 9 9.68 17.36 11.73
C LEU E 9 8.44 17.78 10.94
N LEU E 10 8.19 19.08 10.88
CA LEU E 10 7.00 19.57 10.16
C LEU E 10 7.13 19.34 8.65
N VAL E 11 8.29 19.75 8.12
CA VAL E 11 8.57 19.62 6.69
C VAL E 11 8.70 18.15 6.27
N GLN E 12 8.98 17.29 7.27
CA GLN E 12 9.08 15.87 6.96
C GLN E 12 7.70 15.24 6.72
N THR E 13 6.65 15.98 7.03
CA THR E 13 5.30 15.52 6.80
C THR E 13 5.10 15.36 5.29
N LEU E 14 5.95 16.06 4.52
CA LEU E 14 5.89 16.02 3.06
C LEU E 14 6.19 14.64 2.50
N LYS E 15 6.84 13.80 3.31
CA LYS E 15 7.15 12.44 2.90
C LYS E 15 5.89 11.58 2.95
N ARG E 16 4.93 12.02 3.77
CA ARG E 16 3.67 11.30 3.96
C ARG E 16 2.51 11.88 3.14
N LEU E 17 2.60 13.15 2.75
CA LEU E 17 1.54 13.77 1.97
C LEU E 17 1.63 13.37 0.50
N PRO E 18 0.52 12.92 -0.10
CA PRO E 18 0.58 12.56 -1.50
C PRO E 18 0.40 13.75 -2.42
N ARG E 19 0.79 13.56 -3.68
CA ARG E 19 0.59 14.56 -4.70
C ARG E 19 -0.82 14.24 -5.23
N MET E 20 -1.80 14.94 -4.67
CA MET E 20 -3.21 14.75 -4.97
C MET E 20 -3.73 14.60 -6.41
N GLY E 21 -3.13 15.31 -7.36
CA GLY E 21 -3.59 15.22 -8.73
C GLY E 21 -3.60 13.79 -9.25
N TRP E 22 -2.58 13.04 -8.88
CA TRP E 22 -2.48 11.65 -9.30
C TRP E 22 -3.65 10.81 -8.73
N LEU E 23 -3.94 10.96 -7.44
CA LEU E 23 -5.04 10.22 -6.80
C LEU E 23 -6.36 10.49 -7.51
N ILE E 24 -6.63 11.77 -7.76
CA ILE E 24 -7.85 12.09 -8.43
C ILE E 24 -7.89 11.44 -9.81
N LYS E 25 -6.73 11.20 -10.42
CA LYS E 25 -6.68 10.56 -11.73
C LYS E 25 -6.64 9.05 -11.63
N GLY E 26 -6.91 8.55 -10.44
CA GLY E 26 -6.88 7.12 -10.22
C GLY E 26 -5.52 6.49 -10.19
N VAL E 27 -4.46 7.27 -9.90
CA VAL E 27 -3.13 6.65 -9.83
C VAL E 27 -2.94 6.02 -8.46
N GLN E 28 -2.71 4.72 -8.54
CA GLN E 28 -2.68 3.83 -7.37
C GLN E 28 -1.68 4.29 -6.29
N GLU E 29 -0.36 4.12 -6.34
CA GLU E 29 0.48 4.58 -5.24
C GLU E 29 1.22 5.84 -5.66
N PRO E 30 0.56 7.00 -5.53
CA PRO E 30 1.22 8.26 -5.93
C PRO E 30 2.42 8.69 -5.11
N GLU E 31 3.29 9.44 -5.78
CA GLU E 31 4.49 10.00 -5.18
C GLU E 31 4.10 10.98 -4.08
N SER E 32 4.96 11.15 -3.09
CA SER E 32 4.68 12.12 -2.02
C SER E 32 5.15 13.49 -2.50
N ILE E 33 4.75 14.53 -1.78
CA ILE E 33 5.18 15.87 -2.14
C ILE E 33 6.70 15.95 -2.08
N ALA E 34 7.31 15.23 -1.16
CA ALA E 34 8.76 15.21 -1.00
C ALA E 34 9.46 14.54 -2.16
N ASP E 35 8.84 13.50 -2.73
CA ASP E 35 9.42 12.80 -3.89
C ASP E 35 9.52 13.81 -5.02
N HIS E 36 8.44 14.57 -5.17
CA HIS E 36 8.30 15.59 -6.17
C HIS E 36 9.36 16.67 -5.96
N SER E 37 9.41 17.19 -4.74
CA SER E 37 10.37 18.23 -4.42
C SER E 37 11.80 17.78 -4.76
N PHE E 38 12.13 16.53 -4.46
CA PHE E 38 13.46 16.03 -4.79
C PHE E 38 13.67 16.13 -6.30
N GLY E 39 12.67 15.69 -7.05
CA GLY E 39 12.73 15.73 -8.50
C GLY E 39 12.94 17.12 -9.04
N VAL E 40 12.21 18.08 -8.51
CA VAL E 40 12.35 19.46 -8.96
C VAL E 40 13.78 19.93 -8.68
N ALA E 41 14.27 19.66 -7.47
CA ALA E 41 15.62 20.04 -7.08
C ALA E 41 16.64 19.44 -8.05
N PHE E 42 16.52 18.14 -8.34
CA PHE E 42 17.46 17.48 -9.25
C PHE E 42 17.44 18.06 -10.67
N ILE E 43 16.24 18.29 -11.19
CA ILE E 43 16.11 18.83 -12.53
C ILE E 43 16.62 20.27 -12.54
N THR E 44 16.43 20.97 -11.43
CA THR E 44 16.92 22.33 -11.33
C THR E 44 18.45 22.31 -11.38
N LEU E 45 19.07 21.38 -10.67
CA LEU E 45 20.52 21.27 -10.67
C LEU E 45 21.00 21.01 -12.09
N VAL E 46 20.53 19.91 -12.67
CA VAL E 46 20.88 19.50 -14.03
C VAL E 46 20.67 20.60 -15.09
N LEU E 47 19.53 21.27 -15.02
CA LEU E 47 19.24 22.32 -15.99
C LEU E 47 20.15 23.51 -15.79
N ALA E 48 20.47 23.80 -14.53
CA ALA E 48 21.35 24.92 -14.20
C ALA E 48 22.67 24.74 -14.94
N ASP E 49 23.23 23.53 -14.89
CA ASP E 49 24.48 23.26 -15.56
C ASP E 49 24.36 23.50 -17.06
N VAL E 50 23.27 23.02 -17.66
CA VAL E 50 23.07 23.23 -19.10
C VAL E 50 23.05 24.73 -19.40
N LEU E 51 22.29 25.49 -18.62
CA LEU E 51 22.19 26.93 -18.82
C LEU E 51 23.56 27.58 -18.66
N GLU E 52 24.32 27.07 -17.70
CA GLU E 52 25.65 27.57 -17.43
C GLU E 52 26.51 27.53 -18.71
N LYS E 53 26.61 26.35 -19.31
CA LYS E 53 27.41 26.19 -20.52
C LYS E 53 26.76 26.66 -21.81
N ARG E 54 25.70 27.44 -21.70
CA ARG E 54 25.06 27.99 -22.88
C ARG E 54 25.05 29.51 -22.74
N GLY E 55 25.88 30.00 -21.84
CA GLY E 55 25.98 31.43 -21.64
C GLY E 55 24.99 32.07 -20.70
N LYS E 56 23.91 31.39 -20.37
CA LYS E 56 22.94 31.97 -19.45
C LYS E 56 23.41 31.71 -18.02
N ARG E 57 23.77 32.79 -17.30
CA ARG E 57 24.24 32.66 -15.94
C ARG E 57 23.07 32.59 -14.98
N ILE E 58 23.14 31.68 -14.02
CA ILE E 58 22.08 31.50 -13.03
C ILE E 58 22.64 31.53 -11.61
N ASP E 59 21.89 32.09 -10.67
CA ASP E 59 22.31 32.09 -9.27
C ASP E 59 21.88 30.70 -8.78
N VAL E 60 22.73 29.70 -9.02
CA VAL E 60 22.44 28.34 -8.63
C VAL E 60 22.01 28.17 -7.19
N GLU E 61 22.75 28.77 -6.26
CA GLU E 61 22.38 28.65 -4.87
C GLU E 61 20.91 29.01 -4.70
N LYS E 62 20.53 30.23 -5.09
CA LYS E 62 19.15 30.65 -4.94
C LYS E 62 18.17 29.69 -5.60
N ALA E 63 18.56 29.16 -6.76
CA ALA E 63 17.72 28.25 -7.51
C ALA E 63 17.42 26.98 -6.70
N LEU E 64 18.48 26.32 -6.22
CA LEU E 64 18.32 25.11 -5.44
C LEU E 64 17.53 25.35 -4.16
N LYS E 65 17.69 26.50 -3.52
CA LYS E 65 16.96 26.78 -2.28
C LYS E 65 15.49 26.95 -2.62
N MET E 66 15.26 27.57 -3.77
CA MET E 66 13.93 27.85 -4.27
C MET E 66 13.19 26.56 -4.65
N ALA E 67 13.94 25.59 -5.16
CA ALA E 67 13.35 24.31 -5.57
C ALA E 67 13.01 23.48 -4.33
N ILE E 68 13.88 23.55 -3.32
CA ILE E 68 13.70 22.82 -2.07
C ILE E 68 12.52 23.33 -1.24
N VAL E 69 12.26 24.62 -1.35
CA VAL E 69 11.22 25.28 -0.57
C VAL E 69 9.93 25.60 -1.34
N HIS E 70 9.93 25.43 -2.65
CA HIS E 70 8.75 25.82 -3.42
C HIS E 70 7.38 25.24 -3.02
N ASP E 71 7.34 24.02 -2.49
CA ASP E 71 6.03 23.48 -2.08
C ASP E 71 5.95 23.29 -0.58
N LEU E 72 6.85 23.92 0.14
CA LEU E 72 6.93 23.80 1.60
C LEU E 72 5.67 24.15 2.39
N ALA E 73 4.82 25.03 1.84
CA ALA E 73 3.60 25.40 2.56
C ALA E 73 2.62 24.24 2.64
N GLU E 74 2.77 23.30 1.74
CA GLU E 74 1.88 22.15 1.71
C GLU E 74 2.10 21.21 2.88
N ALA E 75 3.20 21.41 3.61
CA ALA E 75 3.50 20.58 4.77
C ALA E 75 2.40 20.83 5.80
N ILE E 76 1.67 21.93 5.62
CA ILE E 76 0.57 22.28 6.51
C ILE E 76 -0.78 22.30 5.82
N ILE E 77 -0.84 22.77 4.57
CA ILE E 77 -2.13 22.85 3.88
C ILE E 77 -2.43 21.72 2.88
N THR E 78 -1.44 20.86 2.69
CA THR E 78 -1.48 19.71 1.79
C THR E 78 -1.56 20.12 0.31
N ASP E 79 -1.24 19.19 -0.57
CA ASP E 79 -1.25 19.47 -2.00
C ASP E 79 -2.64 19.60 -2.61
N ILE E 80 -3.36 20.65 -2.24
CA ILE E 80 -4.70 20.87 -2.76
C ILE E 80 -4.64 20.87 -4.29
N PRO E 81 -5.23 19.84 -4.93
CA PRO E 81 -5.24 19.69 -6.39
C PRO E 81 -5.84 20.86 -7.19
N LEU E 82 -5.34 21.01 -8.41
CA LEU E 82 -5.79 22.08 -9.29
C LEU E 82 -7.32 22.08 -9.41
N SER E 83 -7.89 20.89 -9.59
CA SER E 83 -9.34 20.71 -9.73
C SER E 83 -10.13 21.34 -8.59
N ALA E 84 -9.52 21.41 -7.42
CA ALA E 84 -10.16 21.99 -6.24
C ALA E 84 -9.95 23.50 -6.18
N GLN E 85 -8.89 23.97 -6.82
CA GLN E 85 -8.56 25.39 -6.77
C GLN E 85 -9.55 26.34 -7.39
N GLU E 86 -10.66 25.80 -7.87
CA GLU E 86 -11.70 26.63 -8.43
C GLU E 86 -12.59 27.04 -7.26
N PHE E 87 -12.34 26.43 -6.10
CA PHE E 87 -13.16 26.68 -4.91
C PHE E 87 -12.30 27.13 -3.73
N VAL E 88 -11.01 26.76 -3.77
CA VAL E 88 -10.09 27.16 -2.70
C VAL E 88 -8.97 28.05 -3.24
N ASP E 89 -8.71 29.17 -2.56
CA ASP E 89 -7.56 29.99 -2.94
C ASP E 89 -6.28 29.41 -2.33
N LYS E 90 -5.67 28.45 -3.00
CA LYS E 90 -4.46 27.84 -2.47
C LYS E 90 -3.35 28.87 -2.35
N ASP E 91 -3.30 29.82 -3.28
CA ASP E 91 -2.26 30.85 -3.28
C ASP E 91 -2.30 31.73 -2.03
N LYS E 92 -3.48 32.23 -1.71
CA LYS E 92 -3.66 33.05 -0.54
C LYS E 92 -3.16 32.26 0.67
N ALA E 93 -3.57 31.00 0.76
CA ALA E 93 -3.17 30.15 1.87
C ALA E 93 -1.64 29.97 1.96
N GLU E 94 -0.98 29.70 0.85
CA GLU E 94 0.47 29.50 0.86
C GLU E 94 1.21 30.72 1.41
N ALA E 95 0.87 31.90 0.89
CA ALA E 95 1.52 33.14 1.34
C ALA E 95 1.40 33.24 2.86
N LEU E 96 0.21 32.99 3.36
CA LEU E 96 -0.07 33.11 4.80
C LEU E 96 0.85 32.21 5.64
N VAL E 97 0.93 30.94 5.21
CA VAL E 97 1.76 29.97 5.92
C VAL E 97 3.23 30.39 5.88
N PHE E 98 3.70 30.78 4.68
CA PHE E 98 5.07 31.28 4.57
C PHE E 98 5.28 32.51 5.47
N LYS E 99 4.33 33.43 5.53
CA LYS E 99 4.49 34.60 6.39
C LYS E 99 4.45 34.27 7.88
N LYS E 100 3.65 33.29 8.27
CA LYS E 100 3.57 32.97 9.71
C LYS E 100 4.53 31.86 10.18
N VAL E 101 4.71 30.83 9.33
CA VAL E 101 5.47 29.63 9.76
C VAL E 101 6.89 29.60 9.19
N PHE E 102 6.99 30.06 7.93
CA PHE E 102 8.25 30.03 7.19
C PHE E 102 8.69 31.44 6.77
N PRO E 103 8.73 32.41 7.70
CA PRO E 103 9.11 33.78 7.33
C PRO E 103 10.49 33.84 6.71
N GLU E 104 11.39 32.96 7.14
CA GLU E 104 12.74 32.96 6.60
C GLU E 104 12.80 32.57 5.15
N PHE E 105 11.73 31.95 4.64
CA PHE E 105 11.70 31.53 3.25
C PHE E 105 10.68 32.30 2.43
N TYR E 106 10.05 33.31 3.05
CA TYR E 106 9.02 34.05 2.32
C TYR E 106 9.58 34.78 1.10
N GLU E 107 10.83 35.23 1.14
CA GLU E 107 11.41 35.91 -0.02
C GLU E 107 11.59 34.97 -1.20
N LEU E 108 12.05 33.76 -0.92
CA LEU E 108 12.24 32.76 -1.97
C LEU E 108 10.86 32.43 -2.55
N TYR E 109 9.87 32.29 -1.67
CA TYR E 109 8.52 31.98 -2.10
C TYR E 109 7.94 33.08 -2.99
N ARG E 110 8.03 34.31 -2.50
CA ARG E 110 7.51 35.48 -3.21
C ARG E 110 8.11 35.62 -4.61
N GLU E 111 9.43 35.46 -4.72
CA GLU E 111 10.11 35.57 -6.00
C GLU E 111 9.69 34.44 -6.92
N TYR E 112 9.52 33.25 -6.35
CA TYR E 112 9.11 32.09 -7.12
C TYR E 112 7.75 32.31 -7.77
N GLN E 113 6.81 32.87 -7.00
CA GLN E 113 5.47 33.11 -7.52
C GLN E 113 5.46 34.13 -8.65
N GLU E 114 6.39 35.09 -8.59
CA GLU E 114 6.47 36.13 -9.61
C GLU E 114 6.92 35.57 -10.95
N CYS E 115 7.65 34.47 -10.91
CA CYS E 115 8.12 33.86 -12.14
C CYS E 115 8.73 34.87 -13.11
N SER E 116 9.60 35.75 -12.61
CA SER E 116 10.24 36.74 -13.47
C SER E 116 11.72 36.46 -13.64
N SER E 117 12.41 36.35 -12.51
CA SER E 117 13.85 36.09 -12.50
C SER E 117 14.22 34.78 -13.17
N PRO E 118 15.48 34.65 -13.59
CA PRO E 118 15.95 33.41 -14.24
C PRO E 118 15.79 32.20 -13.31
N GLU E 119 16.08 32.40 -12.03
CA GLU E 119 15.98 31.34 -11.03
C GLU E 119 14.53 30.88 -10.85
N ALA E 120 13.64 31.85 -10.68
CA ALA E 120 12.21 31.58 -10.50
C ALA E 120 11.63 30.80 -11.69
N GLN E 121 12.03 31.18 -12.90
CA GLN E 121 11.54 30.49 -14.09
C GLN E 121 12.11 29.08 -14.21
N LEU E 122 13.37 28.92 -13.78
CA LEU E 122 14.03 27.62 -13.83
C LEU E 122 13.30 26.61 -12.93
N VAL E 123 13.02 27.03 -11.71
CA VAL E 123 12.34 26.16 -10.77
C VAL E 123 10.95 25.81 -11.29
N ARG E 124 10.29 26.79 -11.90
CA ARG E 124 8.96 26.58 -12.44
C ARG E 124 9.04 25.56 -13.57
N ILE E 125 10.09 25.65 -14.39
CA ILE E 125 10.27 24.72 -15.49
C ILE E 125 10.61 23.33 -14.94
N ALA E 126 11.36 23.28 -13.84
CA ALA E 126 11.73 22.01 -13.23
C ALA E 126 10.51 21.37 -12.59
N ASP E 127 9.62 22.22 -12.09
CA ASP E 127 8.42 21.74 -11.47
C ASP E 127 7.55 21.04 -12.50
N LYS E 128 7.40 21.67 -13.66
CA LYS E 128 6.59 21.12 -14.73
C LYS E 128 7.19 19.90 -15.40
N LEU E 129 8.51 19.86 -15.48
CA LEU E 129 9.17 18.73 -16.12
C LEU E 129 9.10 17.46 -15.28
N ASP E 130 9.18 17.63 -13.97
CA ASP E 130 9.14 16.51 -13.06
C ASP E 130 7.76 15.89 -13.19
N MET E 131 6.77 16.75 -13.32
CA MET E 131 5.40 16.30 -13.43
C MET E 131 5.13 15.61 -14.76
N ILE E 132 5.55 16.26 -15.85
CA ILE E 132 5.27 15.70 -17.19
C ILE E 132 5.93 14.35 -17.27
N LEU E 133 7.15 14.33 -16.80
CA LEU E 133 7.85 13.08 -16.82
C LEU E 133 7.34 12.05 -15.80
N GLN E 134 6.70 12.53 -14.69
CA GLN E 134 6.13 11.57 -13.75
C GLN E 134 4.88 10.94 -14.38
N ALA E 135 4.12 11.80 -15.06
CA ALA E 135 2.93 11.38 -15.78
C ALA E 135 3.35 10.32 -16.78
N TYR E 136 4.42 10.60 -17.49
CA TYR E 136 4.93 9.67 -18.46
C TYR E 136 5.11 8.32 -17.81
N GLN E 137 5.68 8.28 -16.60
CA GLN E 137 5.90 7.00 -15.93
C GLN E 137 4.62 6.27 -15.54
N TYR E 138 3.67 7.02 -15.00
CA TYR E 138 2.40 6.45 -14.58
C TYR E 138 1.63 5.91 -15.80
N GLU E 139 1.96 6.44 -16.99
CA GLU E 139 1.33 6.05 -18.24
C GLU E 139 1.81 4.66 -18.57
N LEU E 140 3.10 4.46 -18.38
CA LEU E 140 3.78 3.19 -18.63
C LEU E 140 3.27 2.14 -17.67
N SER E 141 2.76 2.60 -16.53
CA SER E 141 2.23 1.69 -15.52
C SER E 141 0.81 1.28 -15.88
N GLY E 142 0.20 2.01 -16.82
CA GLY E 142 -1.13 1.67 -17.25
C GLY E 142 -2.16 2.76 -17.15
N ASN E 143 -1.87 3.85 -16.44
CA ASN E 143 -2.88 4.88 -16.33
C ASN E 143 -3.11 5.54 -17.67
N LYS E 144 -4.38 5.68 -18.04
CA LYS E 144 -4.68 6.29 -19.32
C LYS E 144 -5.46 7.61 -19.28
N ASN E 145 -5.46 8.29 -18.15
CA ASN E 145 -6.14 9.59 -18.13
C ASN E 145 -5.22 10.71 -17.75
N LEU E 146 -3.95 10.55 -18.10
CA LEU E 146 -2.99 11.64 -17.93
C LEU E 146 -2.94 12.35 -19.30
N ASP E 147 -4.06 13.02 -19.63
CA ASP E 147 -4.37 13.73 -20.89
C ASP E 147 -3.68 15.07 -21.19
N GLU E 148 -3.72 16.02 -20.26
CA GLU E 148 -3.08 17.35 -20.48
C GLU E 148 -1.57 17.58 -20.30
N PHE E 149 -0.82 17.31 -21.35
CA PHE E 149 0.60 17.47 -21.38
C PHE E 149 0.95 18.52 -22.40
N TRP E 150 0.20 18.60 -23.48
CA TRP E 150 0.48 19.66 -24.46
C TRP E 150 0.28 21.06 -23.87
N GLU E 151 -0.21 21.14 -22.64
CA GLU E 151 -0.48 22.45 -22.06
C GLU E 151 0.40 22.78 -20.90
N ALA E 152 1.25 21.82 -20.62
CA ALA E 152 2.25 21.90 -19.58
C ALA E 152 3.53 22.32 -20.33
N ILE E 153 3.73 21.61 -21.44
CA ILE E 153 4.82 21.82 -22.38
C ILE E 153 4.65 23.28 -22.84
N GLU E 154 3.44 23.60 -23.24
CA GLU E 154 3.08 24.93 -23.71
C GLU E 154 3.22 25.98 -22.59
N GLU E 155 2.97 25.59 -21.34
CA GLU E 155 3.10 26.53 -20.23
C GLU E 155 4.59 26.86 -20.05
N ILE E 156 5.46 25.89 -20.30
CA ILE E 156 6.89 26.12 -20.18
C ILE E 156 7.37 27.04 -21.31
N LYS E 157 6.87 26.77 -22.52
CA LYS E 157 7.22 27.56 -23.70
C LYS E 157 6.92 29.04 -23.49
N ARG E 158 5.93 29.35 -22.67
CA ARG E 158 5.57 30.73 -22.41
C ARG E 158 6.55 31.49 -21.52
N LEU E 159 7.57 30.79 -21.02
CA LEU E 159 8.57 31.41 -20.17
C LEU E 159 9.82 31.68 -20.98
N GLU E 160 10.32 32.91 -20.87
CA GLU E 160 11.52 33.32 -21.59
C GLU E 160 12.64 32.30 -21.48
N LEU E 161 13.01 31.99 -20.24
CA LEU E 161 14.11 31.07 -19.99
C LEU E 161 14.06 29.79 -20.79
N SER E 162 12.88 29.40 -21.26
CA SER E 162 12.76 28.16 -22.04
C SER E 162 13.54 28.26 -23.34
N LYS E 163 13.61 29.47 -23.88
CA LYS E 163 14.34 29.73 -25.12
C LYS E 163 15.68 29.00 -25.18
N TYR E 164 16.35 28.87 -24.03
CA TYR E 164 17.64 28.19 -23.93
C TYR E 164 17.54 26.67 -23.80
N LEU E 165 16.31 26.18 -23.72
CA LEU E 165 16.05 24.75 -23.55
C LEU E 165 15.19 24.06 -24.61
N GLU E 166 14.88 24.74 -25.69
CA GLU E 166 14.00 24.18 -26.74
C GLU E 166 14.32 22.71 -27.16
N ASP E 167 15.60 22.39 -27.30
CA ASP E 167 16.03 21.03 -27.69
C ASP E 167 15.60 19.98 -26.65
N ILE E 168 15.70 20.36 -25.38
CA ILE E 168 15.34 19.46 -24.29
C ILE E 168 13.84 19.27 -24.30
N LEU E 169 13.10 20.37 -24.29
CA LEU E 169 11.65 20.26 -24.27
C LEU E 169 11.13 19.53 -25.51
N ASN E 170 11.96 19.41 -26.53
CA ASN E 170 11.57 18.70 -27.75
C ASN E 170 11.71 17.20 -27.52
N SER E 171 12.70 16.82 -26.72
CA SER E 171 12.93 15.42 -26.42
C SER E 171 11.82 14.93 -25.50
N VAL E 172 11.35 15.82 -24.64
CA VAL E 172 10.27 15.52 -23.69
C VAL E 172 8.98 15.26 -24.45
N GLY E 173 8.55 16.24 -25.22
CA GLY E 173 7.32 16.09 -25.98
C GLY E 173 7.42 14.90 -26.92
N ARG E 174 8.66 14.44 -27.14
CA ARG E 174 8.88 13.31 -28.02
C ARG E 174 8.60 11.99 -27.31
N LEU E 175 8.61 12.02 -25.98
CA LEU E 175 8.29 10.83 -25.23
C LEU E 175 6.82 10.51 -25.48
N LYS E 176 6.03 11.57 -25.70
CA LYS E 176 4.59 11.45 -25.99
C LYS E 176 4.53 10.34 -27.05
N MET F 4 16.33 -23.57 14.51
CA MET F 4 16.48 -22.40 15.43
C MET F 4 15.61 -21.21 15.03
N ILE F 5 15.00 -20.61 16.04
CA ILE F 5 14.13 -19.47 15.87
C ILE F 5 14.78 -18.26 15.20
N GLU F 6 16.06 -18.06 15.46
CA GLU F 6 16.76 -16.92 14.86
C GLU F 6 16.83 -17.07 13.35
N LYS F 7 17.17 -18.28 12.89
CA LYS F 7 17.27 -18.55 11.47
C LYS F 7 15.91 -18.37 10.78
N ILE F 8 14.87 -18.95 11.35
CA ILE F 8 13.53 -18.86 10.78
C ILE F 8 13.08 -17.41 10.65
N LEU F 9 13.33 -16.61 11.68
CA LEU F 9 12.94 -15.20 11.66
C LEU F 9 13.69 -14.48 10.55
N LEU F 10 14.94 -14.84 10.39
CA LEU F 10 15.75 -14.23 9.34
C LEU F 10 15.14 -14.45 7.97
N VAL F 11 14.88 -15.74 7.67
CA VAL F 11 14.32 -16.07 6.36
C VAL F 11 12.92 -15.48 6.15
N GLN F 12 12.22 -15.22 7.28
CA GLN F 12 10.89 -14.64 7.16
C GLN F 12 10.93 -13.20 6.64
N THR F 13 12.13 -12.62 6.64
CA THR F 13 12.34 -11.28 6.14
C THR F 13 11.92 -11.24 4.67
N LEU F 14 12.09 -12.38 4.01
CA LEU F 14 11.72 -12.56 2.60
C LEU F 14 10.28 -12.15 2.31
N LYS F 15 9.39 -12.33 3.28
CA LYS F 15 8.00 -11.92 3.13
C LYS F 15 7.88 -10.40 2.98
N ARG F 16 8.91 -9.72 3.50
CA ARG F 16 8.85 -8.25 3.57
C ARG F 16 9.59 -7.61 2.39
N LEU F 17 10.58 -8.36 1.85
CA LEU F 17 11.39 -7.80 0.78
C LEU F 17 10.73 -7.96 -0.60
N PRO F 18 10.75 -6.84 -1.33
CA PRO F 18 10.20 -6.80 -2.67
C PRO F 18 11.11 -7.47 -3.70
N ARG F 19 10.48 -8.05 -4.72
CA ARG F 19 11.23 -8.42 -5.90
C ARG F 19 11.51 -7.17 -6.75
N MET F 20 12.78 -6.71 -6.67
CA MET F 20 13.12 -5.35 -7.12
C MET F 20 12.89 -5.10 -8.62
N GLY F 21 13.04 -6.11 -9.48
CA GLY F 21 12.84 -5.88 -10.90
C GLY F 21 11.51 -5.21 -11.19
N TRP F 22 10.45 -5.70 -10.56
CA TRP F 22 9.12 -5.15 -10.76
C TRP F 22 9.07 -3.66 -10.39
N LEU F 23 9.63 -3.30 -9.23
CA LEU F 23 9.63 -1.91 -8.77
C LEU F 23 10.28 -1.00 -9.79
N ILE F 24 11.48 -1.38 -10.21
CA ILE F 24 12.18 -0.59 -11.20
C ILE F 24 11.33 -0.40 -12.44
N LYS F 25 10.50 -1.40 -12.78
CA LYS F 25 9.64 -1.30 -13.96
C LYS F 25 8.35 -0.54 -13.70
N GLY F 26 8.20 -0.07 -12.47
CA GLY F 26 7.01 0.68 -12.13
C GLY F 26 5.83 -0.10 -11.61
N VAL F 27 6.04 -1.37 -11.30
CA VAL F 27 4.92 -2.14 -10.78
C VAL F 27 4.65 -1.70 -9.35
N GLN F 28 3.42 -1.23 -9.17
CA GLN F 28 2.86 -0.72 -7.92
C GLN F 28 3.04 -1.64 -6.69
N GLU F 29 2.31 -2.75 -6.60
CA GLU F 29 2.45 -3.67 -5.44
C GLU F 29 3.22 -4.92 -5.87
N PRO F 30 4.55 -4.87 -5.85
CA PRO F 30 5.24 -6.08 -6.28
C PRO F 30 5.24 -7.22 -5.26
N GLU F 31 5.30 -8.44 -5.79
CA GLU F 31 5.34 -9.64 -5.00
C GLU F 31 6.63 -9.61 -4.17
N SER F 32 6.60 -10.29 -3.04
CA SER F 32 7.75 -10.38 -2.16
C SER F 32 8.65 -11.52 -2.66
N ILE F 33 9.84 -11.65 -2.09
CA ILE F 33 10.73 -12.73 -2.51
C ILE F 33 10.13 -14.07 -2.10
N ALA F 34 9.40 -14.05 -0.97
CA ALA F 34 8.75 -15.24 -0.43
C ALA F 34 7.64 -15.70 -1.38
N ASP F 35 6.88 -14.75 -1.89
CA ASP F 35 5.81 -15.04 -2.84
C ASP F 35 6.42 -15.74 -4.03
N HIS F 36 7.49 -15.15 -4.56
CA HIS F 36 8.18 -15.73 -5.69
C HIS F 36 8.68 -17.14 -5.37
N SER F 37 9.30 -17.32 -4.20
CA SER F 37 9.82 -18.65 -3.83
C SER F 37 8.71 -19.70 -3.73
N PHE F 38 7.56 -19.31 -3.21
CA PHE F 38 6.45 -20.26 -3.12
C PHE F 38 6.13 -20.74 -4.53
N GLY F 39 5.92 -19.78 -5.44
CA GLY F 39 5.61 -20.10 -6.82
C GLY F 39 6.64 -21.02 -7.46
N VAL F 40 7.91 -20.80 -7.16
CA VAL F 40 8.96 -21.64 -7.71
C VAL F 40 8.81 -23.06 -7.14
N ALA F 41 8.48 -23.12 -5.85
CA ALA F 41 8.30 -24.39 -5.17
C ALA F 41 7.12 -25.15 -5.75
N PHE F 42 6.02 -24.46 -5.98
CA PHE F 42 4.84 -25.11 -6.55
C PHE F 42 5.10 -25.60 -7.99
N ILE F 43 5.61 -24.70 -8.85
CA ILE F 43 5.90 -25.04 -10.24
C ILE F 43 6.89 -26.19 -10.30
N THR F 44 7.82 -26.21 -9.35
CA THR F 44 8.79 -27.30 -9.34
C THR F 44 8.05 -28.61 -9.04
N LEU F 45 7.12 -28.57 -8.10
CA LEU F 45 6.35 -29.76 -7.77
C LEU F 45 5.61 -30.23 -9.02
N VAL F 46 4.73 -29.38 -9.53
CA VAL F 46 3.94 -29.70 -10.71
C VAL F 46 4.77 -30.24 -11.89
N LEU F 47 5.85 -29.55 -12.26
CA LEU F 47 6.68 -30.00 -13.38
C LEU F 47 7.37 -31.32 -13.10
N ALA F 48 7.70 -31.57 -11.83
CA ALA F 48 8.36 -32.82 -11.45
C ALA F 48 7.46 -34.00 -11.81
N ASP F 49 6.17 -33.87 -11.51
CA ASP F 49 5.21 -34.92 -11.79
C ASP F 49 5.13 -35.16 -13.32
N VAL F 50 5.10 -34.08 -14.08
CA VAL F 50 5.03 -34.15 -15.53
C VAL F 50 6.23 -34.92 -16.07
N LEU F 51 7.41 -34.59 -15.58
CA LEU F 51 8.65 -35.24 -15.98
C LEU F 51 8.61 -36.72 -15.57
N GLU F 52 8.04 -36.96 -14.39
CA GLU F 52 7.90 -38.30 -13.83
C GLU F 52 7.17 -39.22 -14.81
N LYS F 53 5.98 -38.80 -15.24
CA LYS F 53 5.21 -39.62 -16.16
C LYS F 53 5.64 -39.54 -17.62
N ARG F 54 6.79 -38.94 -17.88
CA ARG F 54 7.32 -38.84 -19.23
C ARG F 54 8.67 -39.54 -19.26
N GLY F 55 8.91 -40.38 -18.26
CA GLY F 55 10.15 -41.13 -18.20
C GLY F 55 11.38 -40.46 -17.61
N LYS F 56 11.35 -39.15 -17.40
CA LYS F 56 12.52 -38.49 -16.84
C LYS F 56 12.43 -38.55 -15.32
N ARG F 57 13.34 -39.29 -14.68
CA ARG F 57 13.32 -39.40 -13.22
C ARG F 57 14.00 -38.22 -12.55
N ILE F 58 13.35 -37.71 -11.51
CA ILE F 58 13.86 -36.55 -10.77
C ILE F 58 13.92 -36.82 -9.27
N ASP F 59 14.99 -36.38 -8.62
CA ASP F 59 15.10 -36.53 -7.18
C ASP F 59 14.24 -35.40 -6.64
N VAL F 60 12.93 -35.62 -6.58
CA VAL F 60 11.97 -34.62 -6.12
C VAL F 60 12.29 -33.97 -4.79
N GLU F 61 12.79 -34.74 -3.84
CA GLU F 61 13.13 -34.20 -2.53
C GLU F 61 14.18 -33.09 -2.69
N LYS F 62 15.25 -33.39 -3.42
CA LYS F 62 16.31 -32.42 -3.65
C LYS F 62 15.79 -31.19 -4.38
N ALA F 63 14.98 -31.44 -5.40
CA ALA F 63 14.41 -30.38 -6.22
C ALA F 63 13.60 -29.41 -5.37
N LEU F 64 12.72 -29.94 -4.52
CA LEU F 64 11.87 -29.11 -3.66
C LEU F 64 12.70 -28.35 -2.63
N LYS F 65 13.74 -28.99 -2.10
CA LYS F 65 14.59 -28.32 -1.13
C LYS F 65 15.30 -27.18 -1.84
N MET F 66 15.83 -27.49 -3.03
CA MET F 66 16.55 -26.53 -3.86
C MET F 66 15.71 -25.33 -4.26
N ALA F 67 14.42 -25.55 -4.49
CA ALA F 67 13.51 -24.47 -4.84
C ALA F 67 13.18 -23.60 -3.63
N ILE F 68 13.17 -24.21 -2.44
CA ILE F 68 12.85 -23.48 -1.23
C ILE F 68 13.97 -22.52 -0.80
N VAL F 69 15.21 -22.96 -0.95
CA VAL F 69 16.34 -22.17 -0.52
C VAL F 69 17.11 -21.46 -1.63
N HIS F 70 16.66 -21.61 -2.88
CA HIS F 70 17.40 -21.02 -3.99
C HIS F 70 17.64 -19.52 -3.88
N ASP F 71 16.69 -18.77 -3.33
CA ASP F 71 16.89 -17.33 -3.18
C ASP F 71 17.02 -16.93 -1.73
N LEU F 72 17.46 -17.88 -0.90
CA LEU F 72 17.60 -17.67 0.55
C LEU F 72 18.61 -16.60 0.98
N ALA F 73 19.68 -16.45 0.22
CA ALA F 73 20.70 -15.46 0.57
C ALA F 73 20.11 -14.07 0.54
N GLU F 74 19.03 -13.89 -0.22
CA GLU F 74 18.39 -12.59 -0.33
C GLU F 74 17.74 -12.12 0.95
N ALA F 75 17.62 -13.01 1.92
CA ALA F 75 17.04 -12.61 3.20
C ALA F 75 18.03 -11.61 3.79
N ILE F 76 19.29 -11.71 3.39
CA ILE F 76 20.29 -10.79 3.91
C ILE F 76 20.74 -9.68 2.97
N ILE F 77 21.00 -10.01 1.71
CA ILE F 77 21.47 -9.01 0.74
C ILE F 77 20.41 -8.36 -0.17
N THR F 78 19.18 -8.82 -0.04
CA THR F 78 17.98 -8.36 -0.78
C THR F 78 18.03 -8.74 -2.24
N ASP F 79 16.90 -8.54 -2.93
CA ASP F 79 16.84 -8.89 -4.34
C ASP F 79 17.44 -7.80 -5.21
N ILE F 80 18.76 -7.76 -5.24
CA ILE F 80 19.50 -6.79 -6.04
C ILE F 80 19.17 -7.07 -7.51
N PRO F 81 18.46 -6.13 -8.16
CA PRO F 81 18.06 -6.25 -9.56
C PRO F 81 19.17 -6.51 -10.58
N LEU F 82 18.76 -7.10 -11.72
CA LEU F 82 19.69 -7.43 -12.80
C LEU F 82 20.34 -6.17 -13.35
N SER F 83 19.58 -5.09 -13.33
CA SER F 83 20.05 -3.80 -13.80
C SER F 83 21.19 -3.24 -12.94
N ALA F 84 21.27 -3.73 -11.70
CA ALA F 84 22.30 -3.28 -10.79
C ALA F 84 23.51 -4.23 -10.75
N GLN F 85 23.32 -5.44 -11.26
CA GLN F 85 24.38 -6.44 -11.24
C GLN F 85 25.60 -6.18 -12.12
N GLU F 86 25.60 -5.06 -12.85
CA GLU F 86 26.75 -4.74 -13.70
C GLU F 86 27.74 -4.01 -12.82
N PHE F 87 27.26 -3.60 -11.65
CA PHE F 87 28.09 -2.87 -10.71
C PHE F 87 28.31 -3.64 -9.40
N VAL F 88 27.47 -4.64 -9.14
CA VAL F 88 27.59 -5.46 -7.94
C VAL F 88 27.66 -6.92 -8.35
N ASP F 89 28.47 -7.69 -7.63
CA ASP F 89 28.60 -9.10 -7.96
C ASP F 89 27.69 -9.85 -7.00
N LYS F 90 26.41 -9.91 -7.35
CA LYS F 90 25.44 -10.58 -6.51
C LYS F 90 25.84 -12.03 -6.21
N ASP F 91 26.35 -12.73 -7.24
CA ASP F 91 26.79 -14.13 -7.12
C ASP F 91 27.82 -14.33 -5.99
N LYS F 92 28.86 -13.51 -6.01
CA LYS F 92 29.89 -13.61 -4.99
C LYS F 92 29.26 -13.40 -3.64
N ALA F 93 28.38 -12.41 -3.56
CA ALA F 93 27.71 -12.09 -2.31
C ALA F 93 26.85 -13.26 -1.81
N GLU F 94 26.11 -13.90 -2.71
CA GLU F 94 25.26 -15.03 -2.33
C GLU F 94 26.05 -16.19 -1.75
N ALA F 95 27.11 -16.59 -2.46
CA ALA F 95 27.95 -17.70 -2.03
C ALA F 95 28.46 -17.43 -0.62
N LEU F 96 28.84 -16.19 -0.36
CA LEU F 96 29.39 -15.85 0.95
C LEU F 96 28.36 -16.09 2.06
N VAL F 97 27.18 -15.48 1.86
CA VAL F 97 26.08 -15.63 2.82
C VAL F 97 25.78 -17.10 3.11
N PHE F 98 25.77 -17.92 2.05
CA PHE F 98 25.52 -19.34 2.18
C PHE F 98 26.63 -20.05 2.97
N LYS F 99 27.86 -19.66 2.71
CA LYS F 99 29.00 -20.25 3.39
C LYS F 99 29.04 -19.84 4.87
N LYS F 100 28.65 -18.61 5.16
CA LYS F 100 28.70 -18.17 6.56
C LYS F 100 27.37 -18.37 7.31
N VAL F 101 26.25 -18.06 6.62
CA VAL F 101 24.97 -18.04 7.33
C VAL F 101 24.12 -19.30 7.09
N PHE F 102 24.24 -19.88 5.88
CA PHE F 102 23.45 -21.06 5.51
C PHE F 102 24.35 -22.23 5.11
N PRO F 103 25.36 -22.59 5.94
CA PRO F 103 26.35 -23.61 5.55
C PRO F 103 25.66 -24.93 5.23
N GLU F 104 24.56 -25.18 5.94
CA GLU F 104 23.80 -26.42 5.76
C GLU F 104 23.13 -26.50 4.39
N PHE F 105 22.92 -25.35 3.76
CA PHE F 105 22.29 -25.32 2.45
C PHE F 105 23.28 -24.95 1.34
N TYR F 106 24.55 -24.81 1.68
CA TYR F 106 25.56 -24.42 0.69
C TYR F 106 25.66 -25.30 -0.55
N GLU F 107 25.66 -26.62 -0.37
CA GLU F 107 25.78 -27.53 -1.52
C GLU F 107 24.52 -27.56 -2.38
N LEU F 108 23.37 -27.23 -1.79
CA LEU F 108 22.14 -27.19 -2.57
C LEU F 108 22.24 -25.92 -3.43
N TYR F 109 22.85 -24.89 -2.86
CA TYR F 109 23.04 -23.63 -3.56
C TYR F 109 24.03 -23.80 -4.71
N ARG F 110 25.19 -24.37 -4.40
CA ARG F 110 26.25 -24.58 -5.37
C ARG F 110 25.76 -25.46 -6.53
N GLU F 111 24.99 -26.50 -6.25
CA GLU F 111 24.48 -27.33 -7.32
C GLU F 111 23.50 -26.56 -8.20
N TYR F 112 22.64 -25.77 -7.56
CA TYR F 112 21.67 -24.97 -8.29
C TYR F 112 22.35 -23.99 -9.25
N GLN F 113 23.42 -23.36 -8.78
CA GLN F 113 24.15 -22.40 -9.60
C GLN F 113 24.77 -23.05 -10.83
N GLU F 114 25.24 -24.29 -10.67
CA GLU F 114 25.88 -25.02 -11.75
C GLU F 114 24.92 -25.36 -12.88
N CYS F 115 23.63 -25.32 -12.57
CA CYS F 115 22.60 -25.61 -13.55
C CYS F 115 22.96 -26.79 -14.46
N SER F 116 23.42 -27.90 -13.88
CA SER F 116 23.78 -29.08 -14.68
C SER F 116 22.86 -30.27 -14.44
N SER F 117 22.63 -30.59 -13.17
CA SER F 117 21.78 -31.71 -12.79
C SER F 117 20.33 -31.45 -13.15
N PRO F 118 19.56 -32.52 -13.36
CA PRO F 118 18.14 -32.41 -13.72
C PRO F 118 17.38 -31.53 -12.73
N GLU F 119 17.67 -31.74 -11.44
CA GLU F 119 17.04 -30.99 -10.36
C GLU F 119 17.39 -29.51 -10.43
N ALA F 120 18.66 -29.22 -10.68
CA ALA F 120 19.13 -27.83 -10.77
C ALA F 120 18.42 -27.10 -11.91
N GLN F 121 18.36 -27.75 -13.07
CA GLN F 121 17.70 -27.19 -14.25
C GLN F 121 16.18 -27.05 -14.08
N LEU F 122 15.59 -27.96 -13.31
CA LEU F 122 14.16 -27.93 -13.05
C LEU F 122 13.80 -26.71 -12.20
N VAL F 123 14.62 -26.43 -11.19
CA VAL F 123 14.38 -25.29 -10.33
C VAL F 123 14.61 -24.00 -11.13
N ARG F 124 15.65 -24.01 -11.97
CA ARG F 124 15.94 -22.84 -12.80
C ARG F 124 14.76 -22.56 -13.72
N ILE F 125 14.18 -23.62 -14.27
CA ILE F 125 13.03 -23.47 -15.17
C ILE F 125 11.79 -23.00 -14.41
N ALA F 126 11.66 -23.44 -13.16
CA ALA F 126 10.53 -23.04 -12.33
C ALA F 126 10.71 -21.57 -12.01
N ASP F 127 11.96 -21.23 -11.68
CA ASP F 127 12.29 -19.86 -11.36
C ASP F 127 11.83 -18.87 -12.42
N LYS F 128 12.22 -19.15 -13.66
CA LYS F 128 11.86 -18.29 -14.79
C LYS F 128 10.38 -18.33 -15.17
N LEU F 129 9.77 -19.51 -15.13
CA LEU F 129 8.36 -19.62 -15.45
C LEU F 129 7.52 -18.78 -14.49
N ASP F 130 7.87 -18.83 -13.20
CA ASP F 130 7.12 -18.05 -12.22
C ASP F 130 7.23 -16.58 -12.59
N MET F 131 8.44 -16.16 -12.96
CA MET F 131 8.68 -14.77 -13.33
C MET F 131 7.91 -14.37 -14.60
N ILE F 132 8.01 -15.20 -15.64
CA ILE F 132 7.31 -14.93 -16.89
C ILE F 132 5.82 -14.81 -16.63
N LEU F 133 5.26 -15.80 -15.93
CA LEU F 133 3.84 -15.76 -15.62
C LEU F 133 3.50 -14.57 -14.70
N GLN F 134 4.45 -14.16 -13.85
CA GLN F 134 4.22 -13.03 -12.97
C GLN F 134 4.17 -11.77 -13.82
N ALA F 135 5.04 -11.73 -14.83
CA ALA F 135 5.10 -10.61 -15.77
C ALA F 135 3.77 -10.53 -16.52
N TYR F 136 3.29 -11.70 -16.93
CA TYR F 136 2.02 -11.81 -17.64
C TYR F 136 0.91 -11.15 -16.83
N GLN F 137 0.83 -11.51 -15.54
CA GLN F 137 -0.19 -10.98 -14.64
C GLN F 137 -0.09 -9.47 -14.48
N TYR F 138 1.13 -8.98 -14.33
CA TYR F 138 1.31 -7.55 -14.16
C TYR F 138 0.92 -6.77 -15.42
N GLU F 139 1.03 -7.39 -16.60
CA GLU F 139 0.65 -6.71 -17.84
C GLU F 139 -0.87 -6.63 -17.90
N LEU F 140 -1.55 -7.63 -17.33
CA LEU F 140 -3.00 -7.59 -17.31
C LEU F 140 -3.42 -6.45 -16.37
N SER F 141 -2.54 -6.10 -15.44
CA SER F 141 -2.82 -5.02 -14.50
C SER F 141 -2.57 -3.65 -15.12
N GLY F 142 -2.00 -3.62 -16.32
CA GLY F 142 -1.75 -2.36 -16.98
C GLY F 142 -0.29 -2.00 -17.21
N ASN F 143 0.64 -2.74 -16.64
CA ASN F 143 2.05 -2.39 -16.84
C ASN F 143 2.46 -2.76 -18.25
N LYS F 144 3.00 -1.80 -18.99
CA LYS F 144 3.39 -2.10 -20.36
C LYS F 144 4.87 -2.11 -20.67
N ASN F 145 5.73 -2.20 -19.67
CA ASN F 145 7.16 -2.25 -19.97
C ASN F 145 7.84 -3.47 -19.39
N LEU F 146 7.14 -4.61 -19.43
CA LEU F 146 7.65 -5.87 -18.91
C LEU F 146 8.05 -6.82 -20.03
N ASP F 147 8.04 -6.27 -21.24
CA ASP F 147 8.39 -7.00 -22.45
C ASP F 147 9.64 -7.86 -22.36
N GLU F 148 10.75 -7.29 -21.92
CA GLU F 148 12.00 -8.06 -21.82
C GLU F 148 11.86 -9.38 -21.10
N PHE F 149 11.09 -9.40 -20.01
CA PHE F 149 10.89 -10.62 -19.23
C PHE F 149 10.47 -11.88 -20.01
N TRP F 150 9.86 -11.70 -21.18
CA TRP F 150 9.44 -12.84 -21.96
C TRP F 150 10.58 -13.51 -22.70
N GLU F 151 11.76 -12.91 -22.72
CA GLU F 151 12.86 -13.55 -23.41
C GLU F 151 13.51 -14.60 -22.51
N ALA F 152 12.82 -14.94 -21.41
CA ALA F 152 13.29 -15.94 -20.47
C ALA F 152 12.91 -17.32 -21.03
N ILE F 153 11.95 -17.32 -21.95
CA ILE F 153 11.53 -18.56 -22.58
C ILE F 153 12.72 -19.11 -23.37
N GLU F 154 13.47 -18.24 -24.01
CA GLU F 154 14.63 -18.65 -24.80
C GLU F 154 15.73 -19.18 -23.89
N GLU F 155 15.87 -18.55 -22.73
CA GLU F 155 16.86 -18.97 -21.75
C GLU F 155 16.51 -20.39 -21.30
N ILE F 156 15.22 -20.67 -21.14
CA ILE F 156 14.78 -21.99 -20.73
C ILE F 156 15.11 -23.05 -21.78
N LYS F 157 14.86 -22.70 -23.04
CA LYS F 157 15.11 -23.59 -24.19
C LYS F 157 16.57 -24.04 -24.25
N ARG F 158 17.47 -23.22 -23.73
CA ARG F 158 18.91 -23.53 -23.71
C ARG F 158 19.29 -24.61 -22.72
N LEU F 159 18.33 -25.00 -21.88
CA LEU F 159 18.57 -26.05 -20.91
C LEU F 159 18.02 -27.33 -21.48
N GLU F 160 18.82 -28.37 -21.37
CA GLU F 160 18.50 -29.71 -21.85
C GLU F 160 17.13 -30.18 -21.37
N LEU F 161 16.95 -30.10 -20.05
CA LEU F 161 15.71 -30.56 -19.45
C LEU F 161 14.47 -30.05 -20.16
N SER F 162 14.53 -28.85 -20.74
CA SER F 162 13.37 -28.28 -21.41
C SER F 162 12.87 -29.15 -22.55
N LYS F 163 13.74 -30.02 -23.04
CA LYS F 163 13.40 -30.92 -24.13
C LYS F 163 12.11 -31.68 -23.80
N TYR F 164 11.94 -32.00 -22.52
CA TYR F 164 10.77 -32.74 -22.04
C TYR F 164 9.56 -31.84 -21.79
N LEU F 165 9.71 -30.54 -21.97
CA LEU F 165 8.61 -29.62 -21.67
C LEU F 165 8.12 -28.72 -22.79
N GLU F 166 8.65 -28.94 -24.00
CA GLU F 166 8.31 -28.16 -25.20
C GLU F 166 6.84 -27.72 -25.27
N ASP F 167 5.93 -28.66 -25.08
CA ASP F 167 4.51 -28.38 -25.14
C ASP F 167 4.06 -27.32 -24.14
N ILE F 168 4.64 -27.35 -22.94
CA ILE F 168 4.30 -26.40 -21.88
C ILE F 168 4.86 -25.03 -22.21
N LEU F 169 6.11 -24.99 -22.65
CA LEU F 169 6.74 -23.72 -23.02
C LEU F 169 5.94 -23.05 -24.13
N ASN F 170 5.39 -23.86 -25.02
CA ASN F 170 4.60 -23.32 -26.12
C ASN F 170 3.30 -22.68 -25.61
N SER F 171 2.72 -23.26 -24.56
CA SER F 171 1.48 -22.69 -24.03
C SER F 171 1.80 -21.37 -23.33
N VAL F 172 2.97 -21.30 -22.71
CA VAL F 172 3.38 -20.09 -22.03
C VAL F 172 3.61 -18.97 -23.03
N GLY F 173 4.48 -19.20 -24.01
CA GLY F 173 4.76 -18.19 -25.00
C GLY F 173 3.48 -17.74 -25.67
N ARG F 174 2.52 -18.64 -25.68
CA ARG F 174 1.22 -18.40 -26.28
C ARG F 174 0.42 -17.33 -25.54
N LEU F 175 0.77 -17.09 -24.28
CA LEU F 175 0.08 -16.11 -23.44
C LEU F 175 0.45 -14.66 -23.77
N LYS F 176 1.61 -14.46 -24.40
CA LYS F 176 2.04 -13.12 -24.74
C LYS F 176 1.15 -12.52 -25.83
#